data_5Y63
#
_entry.id   5Y63
#
_cell.length_a   103.191
_cell.length_b   124.674
_cell.length_c   97.788
_cell.angle_alpha   90.00
_cell.angle_beta   113.66
_cell.angle_gamma   90.00
#
_symmetry.space_group_name_H-M   'C 1 2 1'
#
loop_
_entity.id
_entity.type
_entity.pdbx_description
1 polymer 'Alkyl hydroperoxide reductase, C subunit'
2 water water
#
_entity_poly.entity_id   1
_entity_poly.type   'polypeptide(L)'
_entity_poly.pdbx_seq_one_letter_code
;MKHHHHHHPMAMNLINQKLFDFECDAYHDGEFTRVSTEDILGKWSIFFFYPADFSFVCPTELGDMQEHYAHLQELNCEVY
SVSEDSHYVHKAWADATETIGKIKYPMLADPNGQLARFFGVLDEASGMAYRASFIVSPEGDIKSYEINDMGIGRNAEELV
RKLEASQFVAEHGDKVCPANWQP
;
_entity_poly.pdbx_strand_id   A,B,C,D,E
#
# COMPACT_ATOMS: atom_id res chain seq x y z
N MET A 12 12.82 -10.09 12.71
CA MET A 12 14.07 -10.04 13.54
C MET A 12 13.85 -10.51 14.98
N ASN A 13 12.88 -11.39 15.19
CA ASN A 13 12.66 -12.02 16.48
C ASN A 13 12.22 -13.47 16.30
N LEU A 14 12.43 -14.28 17.34
CA LEU A 14 12.24 -15.72 17.24
C LEU A 14 10.97 -16.23 17.94
N ILE A 15 10.09 -15.33 18.35
CA ILE A 15 8.86 -15.73 19.03
C ILE A 15 8.05 -16.61 18.07
N ASN A 16 7.62 -17.77 18.54
CA ASN A 16 6.92 -18.77 17.73
C ASN A 16 7.72 -19.28 16.54
N GLN A 17 9.03 -19.46 16.73
CA GLN A 17 9.88 -20.12 15.74
C GLN A 17 10.29 -21.48 16.27
N LYS A 18 10.10 -22.51 15.44
CA LYS A 18 10.44 -23.89 15.80
C LYS A 18 11.96 -24.08 15.85
N LEU A 19 12.41 -24.95 16.76
CA LEU A 19 13.83 -25.34 16.79
C LEU A 19 14.18 -26.10 15.51
N PHE A 20 15.30 -25.71 14.91
CA PHE A 20 15.87 -26.45 13.78
C PHE A 20 16.36 -27.85 14.20
N ASP A 21 16.51 -28.73 13.20
CA ASP A 21 17.05 -30.07 13.45
C ASP A 21 18.54 -29.96 13.71
N PHE A 22 18.97 -30.49 14.85
CA PHE A 22 20.38 -30.44 15.23
C PHE A 22 20.73 -31.62 16.13
N GLU A 23 22.03 -31.88 16.23
CA GLU A 23 22.57 -32.86 17.15
C GLU A 23 23.93 -32.37 17.62
N CYS A 24 24.22 -32.56 18.91
CA CYS A 24 25.49 -32.10 19.47
C CYS A 24 25.89 -32.90 20.70
N ASP A 25 27.16 -32.76 21.08
CA ASP A 25 27.69 -33.40 22.28
C ASP A 25 27.27 -32.64 23.53
N ALA A 26 27.19 -33.36 24.65
CA ALA A 26 26.82 -32.78 25.94
C ALA A 26 27.61 -33.40 27.09
N TYR A 27 27.52 -32.77 28.25
CA TYR A 27 28.10 -33.30 29.48
C TYR A 27 27.00 -33.33 30.53
N HIS A 28 26.75 -34.52 31.09
CA HIS A 28 25.60 -34.75 31.94
C HIS A 28 25.93 -35.76 33.03
N ASP A 29 25.97 -35.31 34.28
CA ASP A 29 26.30 -36.17 35.42
C ASP A 29 27.58 -36.97 35.18
N GLY A 30 28.69 -36.26 34.98
CA GLY A 30 30.00 -36.89 34.90
C GLY A 30 30.29 -37.75 33.68
N GLU A 31 29.44 -37.70 32.66
CA GLU A 31 29.65 -38.48 31.44
C GLU A 31 29.05 -37.84 30.19
N PHE A 32 29.56 -38.25 29.04
CA PHE A 32 29.20 -37.66 27.75
C PHE A 32 27.97 -38.32 27.14
N THR A 33 27.14 -37.50 26.49
CA THR A 33 25.96 -37.99 25.78
C THR A 33 25.76 -37.18 24.49
N ARG A 34 24.81 -37.60 23.67
CA ARG A 34 24.47 -36.90 22.43
C ARG A 34 23.02 -36.43 22.48
N VAL A 35 22.84 -35.10 22.58
CA VAL A 35 21.52 -34.49 22.62
C VAL A 35 21.13 -33.99 21.23
N SER A 36 19.87 -34.23 20.87
CA SER A 36 19.34 -33.78 19.58
C SER A 36 17.99 -33.08 19.78
N THR A 37 17.42 -32.60 18.67
CA THR A 37 16.12 -31.91 18.70
C THR A 37 14.99 -32.79 19.25
N GLU A 38 15.08 -34.09 19.01
CA GLU A 38 14.07 -35.05 19.47
C GLU A 38 14.06 -35.15 21.00
N ASP A 39 15.24 -35.04 21.61
CA ASP A 39 15.39 -35.15 23.06
C ASP A 39 14.76 -33.96 23.81
N ILE A 40 14.64 -32.82 23.12
CA ILE A 40 14.11 -31.60 23.71
C ILE A 40 12.58 -31.57 23.68
N LEU A 41 11.98 -32.04 22.58
CA LEU A 41 10.52 -32.11 22.46
C LEU A 41 9.90 -32.97 23.56
N GLY A 42 8.69 -32.59 24.00
CA GLY A 42 7.97 -33.33 25.03
C GLY A 42 7.92 -32.59 26.34
N LYS A 43 9.05 -32.00 26.73
CA LYS A 43 9.12 -31.16 27.92
C LYS A 43 9.38 -29.71 27.51
N TRP A 44 9.11 -28.79 28.44
CA TRP A 44 9.58 -27.41 28.32
C TRP A 44 11.10 -27.43 28.42
N SER A 45 11.73 -26.35 27.96
CA SER A 45 13.19 -26.30 27.94
C SER A 45 13.68 -24.87 28.04
N ILE A 46 14.77 -24.71 28.79
CA ILE A 46 15.46 -23.43 28.89
C ILE A 46 16.88 -23.60 28.38
N PHE A 47 17.18 -22.95 27.26
CA PHE A 47 18.55 -22.86 26.77
C PHE A 47 19.25 -21.72 27.51
N PHE A 48 20.38 -22.02 28.13
CA PHE A 48 21.09 -21.04 28.97
C PHE A 48 22.48 -20.80 28.40
N PHE A 49 22.56 -19.85 27.47
CA PHE A 49 23.83 -19.50 26.84
C PHE A 49 24.71 -18.71 27.79
N TYR A 50 26.02 -18.98 27.74
CA TYR A 50 27.00 -18.23 28.55
C TYR A 50 28.34 -18.17 27.80
N PRO A 51 29.15 -17.12 28.06
CA PRO A 51 30.34 -16.85 27.24
C PRO A 51 31.44 -17.90 27.27
N ALA A 52 31.96 -18.23 28.45
CA ALA A 52 33.17 -19.07 28.53
C ALA A 52 33.28 -19.91 29.80
N ASP A 53 33.82 -21.11 29.64
CA ASP A 53 34.20 -21.94 30.78
C ASP A 53 35.45 -21.37 31.44
N PHE A 54 35.74 -21.88 32.64
CA PHE A 54 36.81 -21.34 33.49
C PHE A 54 36.79 -19.82 33.54
N SER A 55 35.61 -19.27 33.83
CA SER A 55 35.40 -17.84 33.95
C SER A 55 34.92 -17.53 35.36
N PHE A 56 34.79 -16.25 35.68
CA PHE A 56 34.48 -15.80 37.05
C PHE A 56 32.98 -15.58 37.28
N VAL A 57 32.31 -14.94 36.33
CA VAL A 57 30.89 -14.62 36.46
C VAL A 57 29.99 -15.81 36.11
N CYS A 58 30.41 -16.62 35.14
CA CYS A 58 29.60 -17.73 34.65
C CYS A 58 29.18 -18.74 35.73
N PRO A 59 30.13 -19.27 36.53
CA PRO A 59 29.78 -20.24 37.58
C PRO A 59 28.64 -19.80 38.52
N THR A 60 28.56 -18.50 38.81
CA THR A 60 27.51 -17.97 39.69
C THR A 60 26.14 -18.08 39.02
N GLU A 61 26.08 -17.81 37.73
CA GLU A 61 24.84 -17.93 36.95
C GLU A 61 24.41 -19.39 36.82
N LEU A 62 25.37 -20.26 36.51
CA LEU A 62 25.12 -21.70 36.37
C LEU A 62 24.74 -22.33 37.72
N GLY A 63 25.43 -21.89 38.78
CA GLY A 63 25.16 -22.37 40.14
C GLY A 63 23.79 -21.96 40.67
N ASP A 64 23.33 -20.77 40.26
CA ASP A 64 21.98 -20.31 40.63
C ASP A 64 20.89 -21.01 39.81
N MET A 65 21.22 -21.42 38.59
CA MET A 65 20.30 -22.23 37.78
C MET A 65 20.18 -23.64 38.36
N GLN A 66 21.25 -24.14 38.99
CA GLN A 66 21.21 -25.45 39.64
C GLN A 66 20.28 -25.45 40.86
N GLU A 67 20.34 -24.39 41.66
CA GLU A 67 19.47 -24.25 42.83
C GLU A 67 17.99 -24.34 42.46
N HIS A 68 17.62 -23.78 41.32
CA HIS A 68 16.23 -23.76 40.86
C HIS A 68 15.93 -24.90 39.88
N TYR A 69 16.87 -25.81 39.70
CA TYR A 69 16.71 -26.89 38.72
C TYR A 69 15.68 -27.92 39.17
N ALA A 70 15.63 -28.18 40.47
CA ALA A 70 14.64 -29.09 41.03
C ALA A 70 13.23 -28.52 40.87
N HIS A 71 13.08 -27.22 41.08
CA HIS A 71 11.80 -26.54 40.89
C HIS A 71 11.40 -26.51 39.41
N LEU A 72 12.38 -26.36 38.51
CA LEU A 72 12.12 -26.43 37.07
C LEU A 72 11.75 -27.85 36.64
N GLN A 73 12.47 -28.83 37.16
CA GLN A 73 12.11 -30.25 36.99
C GLN A 73 10.65 -30.49 37.37
N GLU A 74 10.25 -29.94 38.50
CA GLU A 74 8.87 -30.05 39.00
C GLU A 74 7.86 -29.47 38.00
N LEU A 75 8.27 -28.40 37.31
CA LEU A 75 7.43 -27.77 36.27
C LEU A 75 7.55 -28.43 34.90
N ASN A 76 8.08 -29.65 34.86
CA ASN A 76 8.24 -30.41 33.62
C ASN A 76 9.17 -29.72 32.62
N CYS A 77 10.25 -29.12 33.13
CA CYS A 77 11.17 -28.34 32.31
C CYS A 77 12.62 -28.79 32.48
N GLU A 78 13.29 -29.03 31.36
CA GLU A 78 14.70 -29.37 31.33
C GLU A 78 15.53 -28.11 31.09
N VAL A 79 16.79 -28.14 31.54
CA VAL A 79 17.72 -27.01 31.38
C VAL A 79 18.90 -27.44 30.52
N TYR A 80 19.22 -26.66 29.51
CA TYR A 80 20.37 -26.92 28.64
C TYR A 80 21.31 -25.72 28.61
N SER A 81 22.40 -25.78 29.37
CA SER A 81 23.40 -24.71 29.34
C SER A 81 24.24 -24.86 28.07
N VAL A 82 24.46 -23.76 27.37
CA VAL A 82 25.15 -23.77 26.10
C VAL A 82 26.35 -22.82 26.11
N SER A 83 27.46 -23.30 25.58
CA SER A 83 28.66 -22.51 25.42
C SER A 83 29.37 -22.96 24.15
N GLU A 84 30.27 -22.11 23.63
CA GLU A 84 31.04 -22.46 22.44
C GLU A 84 32.23 -23.36 22.79
N ASP A 85 32.32 -23.79 24.05
CA ASP A 85 33.33 -24.75 24.48
C ASP A 85 32.93 -26.17 24.13
N SER A 86 33.91 -27.05 24.03
CA SER A 86 33.66 -28.45 23.74
C SER A 86 33.19 -29.19 24.98
N HIS A 87 32.60 -30.36 24.75
CA HIS A 87 32.19 -31.25 25.85
C HIS A 87 33.39 -31.69 26.69
N TYR A 88 34.57 -31.81 26.07
CA TYR A 88 35.80 -32.11 26.81
C TYR A 88 36.07 -31.05 27.89
N VAL A 89 35.90 -29.77 27.52
CA VAL A 89 36.18 -28.66 28.41
C VAL A 89 35.19 -28.59 29.58
N HIS A 90 33.93 -28.90 29.31
CA HIS A 90 32.90 -28.91 30.35
C HIS A 90 33.23 -29.90 31.46
N LYS A 91 33.71 -31.09 31.06
CA LYS A 91 34.10 -32.12 32.03
C LYS A 91 35.20 -31.63 32.97
N ALA A 92 36.23 -31.01 32.41
CA ALA A 92 37.33 -30.46 33.19
C ALA A 92 36.87 -29.32 34.10
N TRP A 93 35.92 -28.52 33.62
CA TRP A 93 35.37 -27.42 34.41
C TRP A 93 34.56 -27.92 35.60
N ALA A 94 33.89 -29.05 35.42
CA ALA A 94 33.15 -29.70 36.51
C ALA A 94 34.10 -30.26 37.56
N ASP A 95 35.20 -30.86 37.11
CA ASP A 95 36.24 -31.38 38.00
C ASP A 95 36.94 -30.25 38.73
N ALA A 96 37.27 -29.18 38.01
CA ALA A 96 38.08 -28.08 38.56
C ALA A 96 37.33 -27.25 39.61
N THR A 97 36.09 -26.89 39.33
CA THR A 97 35.31 -26.02 40.21
C THR A 97 34.08 -26.75 40.77
N GLU A 98 33.95 -26.72 42.09
CA GLU A 98 32.85 -27.40 42.79
C GLU A 98 31.45 -26.92 42.39
N THR A 99 31.33 -25.64 42.02
CA THR A 99 30.04 -25.07 41.61
C THR A 99 29.51 -25.73 40.35
N ILE A 100 30.41 -26.05 39.43
CA ILE A 100 30.06 -26.69 38.16
C ILE A 100 29.86 -28.19 38.39
N GLY A 101 30.64 -28.77 39.30
CA GLY A 101 30.49 -30.17 39.68
C GLY A 101 29.13 -30.51 40.27
N LYS A 102 28.50 -29.51 40.91
CA LYS A 102 27.16 -29.67 41.48
C LYS A 102 26.05 -29.67 40.42
N ILE A 103 26.35 -29.21 39.21
CA ILE A 103 25.35 -29.11 38.14
C ILE A 103 24.86 -30.48 37.68
N LYS A 104 23.57 -30.73 37.85
CA LYS A 104 22.95 -31.99 37.45
C LYS A 104 22.36 -31.93 36.04
N TYR A 105 22.13 -30.73 35.53
CA TYR A 105 21.53 -30.56 34.19
C TYR A 105 22.57 -30.77 33.08
N PRO A 106 22.09 -31.07 31.85
CA PRO A 106 23.01 -31.31 30.73
C PRO A 106 23.66 -30.03 30.19
N MET A 107 24.99 -30.05 30.09
CA MET A 107 25.76 -28.93 29.54
C MET A 107 26.09 -29.19 28.08
N LEU A 108 25.38 -28.50 27.17
CA LEU A 108 25.58 -28.69 25.74
C LEU A 108 26.86 -28.01 25.27
N ALA A 109 27.57 -28.68 24.36
CA ALA A 109 28.75 -28.12 23.73
C ALA A 109 28.37 -27.61 22.35
N ASP A 110 28.94 -26.47 21.95
CA ASP A 110 28.66 -25.88 20.65
C ASP A 110 29.91 -25.27 20.02
N PRO A 111 30.93 -26.10 19.73
CA PRO A 111 32.14 -25.55 19.13
C PRO A 111 31.95 -25.06 17.69
N ASN A 112 31.07 -25.71 16.93
CA ASN A 112 30.80 -25.29 15.55
C ASN A 112 29.91 -24.03 15.47
N GLY A 113 29.16 -23.77 16.54
CA GLY A 113 28.37 -22.54 16.64
C GLY A 113 26.95 -22.63 16.08
N GLN A 114 26.51 -23.84 15.72
CA GLN A 114 25.20 -24.02 15.11
C GLN A 114 24.08 -23.43 15.98
N LEU A 115 24.12 -23.69 17.28
CA LEU A 115 23.10 -23.21 18.21
C LEU A 115 23.16 -21.69 18.36
N ALA A 116 24.32 -21.19 18.76
CA ALA A 116 24.52 -19.76 18.96
C ALA A 116 24.10 -18.94 17.74
N ARG A 117 24.42 -19.44 16.54
CA ARG A 117 24.02 -18.78 15.30
C ARG A 117 22.53 -18.90 15.01
N PHE A 118 21.95 -20.06 15.29
CA PHE A 118 20.50 -20.25 15.10
C PHE A 118 19.72 -19.30 15.99
N PHE A 119 20.06 -19.28 17.28
CA PHE A 119 19.42 -18.36 18.23
C PHE A 119 19.89 -16.91 18.05
N GLY A 120 21.02 -16.72 17.38
CA GLY A 120 21.51 -15.39 17.03
C GLY A 120 22.17 -14.68 18.20
N VAL A 121 22.90 -15.43 19.01
CA VAL A 121 23.51 -14.89 20.22
C VAL A 121 25.04 -15.00 20.21
N LEU A 122 25.60 -15.21 19.03
CA LEU A 122 27.04 -15.36 18.87
C LEU A 122 27.69 -14.01 18.59
N ASP A 123 28.72 -13.68 19.38
CA ASP A 123 29.57 -12.53 19.08
C ASP A 123 30.69 -13.01 18.17
N GLU A 124 30.65 -12.59 16.91
CA GLU A 124 31.60 -13.08 15.89
C GLU A 124 33.03 -12.62 16.15
N ALA A 125 33.20 -11.51 16.86
CA ALA A 125 34.53 -11.01 17.23
C ALA A 125 35.15 -11.88 18.32
N SER A 126 34.42 -12.04 19.41
CA SER A 126 34.86 -12.84 20.56
C SER A 126 34.85 -14.34 20.27
N GLY A 127 33.89 -14.79 19.45
CA GLY A 127 33.68 -16.21 19.21
C GLY A 127 32.96 -16.89 20.37
N MET A 128 32.27 -16.09 21.19
CA MET A 128 31.59 -16.61 22.37
C MET A 128 30.12 -16.19 22.38
N ALA A 129 29.30 -16.99 23.06
CA ALA A 129 27.88 -16.72 23.16
C ALA A 129 27.62 -15.61 24.18
N TYR A 130 26.59 -14.80 23.91
CA TYR A 130 26.14 -13.79 24.86
C TYR A 130 25.43 -14.46 26.02
N ARG A 131 25.15 -13.70 27.07
CA ARG A 131 24.38 -14.19 28.21
C ARG A 131 22.91 -14.19 27.85
N ALA A 132 22.52 -15.20 27.08
CA ALA A 132 21.17 -15.32 26.57
C ALA A 132 20.43 -16.50 27.18
N SER A 133 19.12 -16.34 27.33
CA SER A 133 18.25 -17.39 27.84
C SER A 133 17.03 -17.49 26.95
N PHE A 134 16.59 -18.71 26.66
CA PHE A 134 15.42 -18.94 25.81
C PHE A 134 14.49 -19.97 26.45
N ILE A 135 13.21 -19.61 26.60
CA ILE A 135 12.20 -20.53 27.07
C ILE A 135 11.44 -21.08 25.86
N VAL A 136 11.46 -22.40 25.71
CA VAL A 136 10.89 -23.06 24.54
C VAL A 136 9.83 -24.06 24.98
N SER A 137 8.69 -24.07 24.29
CA SER A 137 7.58 -24.97 24.62
C SER A 137 7.90 -26.41 24.21
N PRO A 138 7.08 -27.38 24.68
CA PRO A 138 7.30 -28.79 24.33
C PRO A 138 7.18 -29.10 22.84
N GLU A 139 6.44 -28.27 22.10
CA GLU A 139 6.32 -28.43 20.65
C GLU A 139 7.49 -27.80 19.89
N GLY A 140 8.41 -27.16 20.62
CA GLY A 140 9.65 -26.62 20.04
C GLY A 140 9.60 -25.14 19.70
N ASP A 141 8.55 -24.45 20.14
CA ASP A 141 8.36 -23.05 19.83
C ASP A 141 9.02 -22.16 20.87
N ILE A 142 9.74 -21.14 20.42
CA ILE A 142 10.37 -20.16 21.30
C ILE A 142 9.31 -19.20 21.80
N LYS A 143 9.18 -19.10 23.12
CA LYS A 143 8.09 -18.33 23.75
C LYS A 143 8.54 -17.01 24.36
N SER A 144 9.73 -17.00 24.96
CA SER A 144 10.28 -15.76 25.48
C SER A 144 11.78 -15.93 25.66
N TYR A 145 12.51 -14.83 25.54
CA TYR A 145 13.95 -14.90 25.67
C TYR A 145 14.58 -13.57 26.05
N GLU A 146 15.87 -13.65 26.37
CA GLU A 146 16.61 -12.56 26.97
C GLU A 146 18.02 -12.58 26.43
N ILE A 147 18.54 -11.42 26.01
CA ILE A 147 19.94 -11.29 25.62
C ILE A 147 20.60 -10.16 26.41
N ASN A 148 21.67 -10.51 27.14
CA ASN A 148 22.48 -9.52 27.86
C ASN A 148 23.91 -9.55 27.33
N ASP A 149 24.58 -8.39 27.33
CA ASP A 149 25.98 -8.35 26.90
C ASP A 149 26.87 -8.90 28.02
N MET A 150 28.13 -9.19 27.72
CA MET A 150 29.03 -9.77 28.72
C MET A 150 29.16 -8.80 29.90
N GLY A 151 29.20 -9.33 31.12
CA GLY A 151 29.27 -8.50 32.32
C GLY A 151 27.94 -8.21 32.99
N ILE A 152 26.85 -8.27 32.24
CA ILE A 152 25.51 -8.09 32.79
C ILE A 152 24.92 -9.45 33.18
N GLY A 153 25.02 -9.78 34.47
CA GLY A 153 24.56 -11.07 34.99
C GLY A 153 23.04 -11.23 35.02
N ARG A 154 22.59 -12.47 35.12
CA ARG A 154 21.17 -12.82 35.07
C ARG A 154 20.59 -13.16 36.44
N ASN A 155 19.27 -13.29 36.48
CA ASN A 155 18.54 -13.67 37.69
C ASN A 155 17.69 -14.92 37.41
N ALA A 156 18.07 -16.03 38.04
CA ALA A 156 17.39 -17.32 37.85
C ALA A 156 15.92 -17.29 38.25
N GLU A 157 15.60 -16.54 39.30
CA GLU A 157 14.22 -16.44 39.79
C GLU A 157 13.28 -15.86 38.73
N GLU A 158 13.71 -14.77 38.11
CA GLU A 158 12.96 -14.14 37.02
C GLU A 158 12.77 -15.11 35.86
N LEU A 159 13.82 -15.85 35.55
CA LEU A 159 13.79 -16.83 34.46
C LEU A 159 12.84 -18.00 34.74
N VAL A 160 12.66 -18.32 36.02
CA VAL A 160 11.65 -19.30 36.43
C VAL A 160 10.25 -18.69 36.34
N ARG A 161 10.13 -17.42 36.74
CA ARG A 161 8.83 -16.73 36.69
C ARG A 161 8.28 -16.68 35.26
N LYS A 162 9.14 -16.33 34.30
CA LYS A 162 8.73 -16.28 32.90
C LYS A 162 8.20 -17.62 32.40
N LEU A 163 8.83 -18.71 32.84
CA LEU A 163 8.42 -20.05 32.43
C LEU A 163 7.05 -20.40 32.98
N GLU A 164 6.83 -20.11 34.26
CA GLU A 164 5.53 -20.31 34.89
C GLU A 164 4.48 -19.43 34.22
N ALA A 165 4.84 -18.18 33.96
CA ALA A 165 3.95 -17.23 33.28
C ALA A 165 3.57 -17.70 31.88
N SER A 166 4.53 -18.25 31.15
CA SER A 166 4.28 -18.77 29.80
C SER A 166 3.46 -20.07 29.83
N GLN A 167 3.74 -20.92 30.82
CA GLN A 167 2.96 -22.15 31.02
C GLN A 167 1.50 -21.86 31.39
N PHE A 168 1.31 -20.80 32.19
CA PHE A 168 -0.02 -20.35 32.59
C PHE A 168 -0.85 -19.93 31.38
N VAL A 169 -0.21 -19.26 30.42
CA VAL A 169 -0.88 -18.83 29.19
C VAL A 169 -1.08 -20.00 28.24
N ALA A 170 -0.14 -20.95 28.23
CA ALA A 170 -0.24 -22.14 27.39
C ALA A 170 -1.46 -23.00 27.74
N GLU A 171 -1.76 -23.11 29.04
CA GLU A 171 -2.87 -23.94 29.50
C GLU A 171 -4.23 -23.28 29.28
N HIS A 172 -4.33 -21.99 29.60
CA HIS A 172 -5.59 -21.25 29.48
C HIS A 172 -5.51 -20.23 28.35
N GLY A 173 -6.40 -20.37 27.37
CA GLY A 173 -6.39 -19.53 26.17
C GLY A 173 -6.66 -18.04 26.39
N ASP A 174 -7.53 -17.72 27.34
CA ASP A 174 -7.92 -16.34 27.62
C ASP A 174 -7.46 -15.89 29.01
N LYS A 175 -6.33 -15.18 29.05
CA LYS A 175 -5.79 -14.63 30.30
C LYS A 175 -6.54 -13.37 30.71
N VAL A 176 -6.68 -13.17 32.02
CA VAL A 176 -7.33 -11.97 32.56
C VAL A 176 -6.54 -11.44 33.77
N CYS A 177 -6.55 -10.12 33.95
CA CYS A 177 -5.93 -9.49 35.12
C CYS A 177 -6.81 -9.68 36.35
N PRO A 178 -6.22 -9.62 37.56
CA PRO A 178 -7.00 -9.83 38.78
C PRO A 178 -8.14 -8.82 38.95
N MET B 12 22.54 -11.01 14.28
CA MET B 12 21.07 -11.25 14.42
C MET B 12 20.53 -10.54 15.67
N ASN B 13 21.26 -10.65 16.78
CA ASN B 13 20.97 -9.84 17.98
C ASN B 13 21.36 -8.38 17.77
N LEU B 14 20.94 -7.51 18.69
CA LEU B 14 21.11 -6.08 18.55
C LEU B 14 22.12 -5.46 19.52
N ILE B 15 22.93 -6.28 20.18
CA ILE B 15 23.84 -5.78 21.21
C ILE B 15 24.91 -4.88 20.59
N ASN B 16 25.19 -3.77 21.27
CA ASN B 16 26.15 -2.75 20.80
C ASN B 16 25.83 -2.20 19.40
N GLN B 17 24.54 -2.11 19.08
CA GLN B 17 24.09 -1.41 17.88
C GLN B 17 23.54 -0.07 18.33
N LYS B 18 23.92 1.00 17.64
CA LYS B 18 23.49 2.35 18.00
C LYS B 18 22.09 2.64 17.50
N LEU B 19 21.35 3.47 18.25
CA LEU B 19 20.04 3.95 17.82
C LEU B 19 20.12 4.62 16.47
N PHE B 20 19.21 4.25 15.58
CA PHE B 20 19.10 4.91 14.27
C PHE B 20 18.45 6.28 14.44
N ASP B 21 18.65 7.15 13.44
CA ASP B 21 18.09 8.50 13.48
C ASP B 21 16.59 8.45 13.18
N PHE B 22 15.78 9.01 14.08
CA PHE B 22 14.32 9.00 13.93
C PHE B 22 13.63 10.13 14.69
N GLU B 23 12.48 10.56 14.17
CA GLU B 23 11.59 11.48 14.88
C GLU B 23 10.29 10.74 15.16
N CYS B 24 9.53 11.23 16.13
CA CYS B 24 8.45 10.46 16.70
C CYS B 24 7.51 11.32 17.55
N ASP B 25 6.20 11.17 17.34
CA ASP B 25 5.20 11.84 18.16
C ASP B 25 5.02 11.08 19.47
N ALA B 26 4.83 11.83 20.56
CA ALA B 26 4.65 11.21 21.88
C ALA B 26 3.69 12.01 22.75
N TYR B 27 2.96 11.29 23.59
CA TYR B 27 2.18 11.89 24.66
C TYR B 27 3.00 11.79 25.94
N HIS B 28 3.24 12.92 26.60
CA HIS B 28 4.12 12.98 27.75
C HIS B 28 3.56 13.90 28.84
N ASP B 29 3.05 13.30 29.90
CA ASP B 29 2.59 14.02 31.08
C ASP B 29 1.54 15.09 30.74
N GLY B 30 0.48 14.64 30.06
CA GLY B 30 -0.65 15.51 29.73
C GLY B 30 -0.42 16.49 28.58
N GLU B 31 0.53 16.18 27.71
CA GLU B 31 0.84 17.06 26.58
C GLU B 31 1.61 16.31 25.48
N PHE B 32 1.37 16.71 24.23
CA PHE B 32 2.06 16.11 23.08
C PHE B 32 3.40 16.78 22.85
N THR B 33 4.40 15.97 22.51
CA THR B 33 5.74 16.47 22.18
C THR B 33 6.30 15.70 20.99
N ARG B 34 7.51 16.07 20.56
CA ARG B 34 8.21 15.35 19.50
C ARG B 34 9.57 14.90 19.99
N VAL B 35 9.70 13.59 20.21
CA VAL B 35 10.98 13.00 20.62
C VAL B 35 11.77 12.61 19.38
N SER B 36 13.08 12.84 19.42
CA SER B 36 13.98 12.38 18.36
C SER B 36 15.18 11.66 19.00
N THR B 37 16.03 11.09 18.16
CA THR B 37 17.21 10.36 18.63
C THR B 37 18.14 11.22 19.49
N GLU B 38 18.22 12.51 19.16
CA GLU B 38 19.11 13.44 19.89
C GLU B 38 18.65 13.65 21.34
N ASP B 39 17.34 13.70 21.55
CA ASP B 39 16.77 13.86 22.89
C ASP B 39 16.98 12.61 23.74
N ILE B 40 17.07 11.45 23.09
CA ILE B 40 17.22 10.18 23.77
C ILE B 40 18.67 9.94 24.18
N LEU B 41 19.60 10.29 23.30
CA LEU B 41 21.02 10.17 23.58
C LEU B 41 21.45 11.11 24.70
N GLY B 42 22.56 10.76 25.36
CA GLY B 42 23.10 11.55 26.47
C GLY B 42 22.70 11.07 27.85
N LYS B 43 21.88 10.04 27.91
CA LYS B 43 21.43 9.46 29.17
C LYS B 43 20.85 8.08 28.90
N TRP B 44 20.86 7.22 29.91
CA TRP B 44 20.40 5.85 29.75
C TRP B 44 18.92 5.83 29.37
N SER B 45 18.57 4.87 28.51
CA SER B 45 17.21 4.77 28.00
C SER B 45 16.68 3.37 28.26
N ILE B 46 15.41 3.29 28.64
CA ILE B 46 14.69 2.03 28.61
C ILE B 46 13.55 2.18 27.62
N PHE B 47 13.51 1.29 26.62
CA PHE B 47 12.43 1.26 25.65
C PHE B 47 11.49 0.12 26.02
N PHE B 48 10.29 0.49 26.45
CA PHE B 48 9.30 -0.46 26.93
C PHE B 48 8.21 -0.66 25.89
N PHE B 49 8.38 -1.64 25.02
CA PHE B 49 7.37 -1.97 24.01
C PHE B 49 6.19 -2.72 24.65
N TYR B 50 4.99 -2.47 24.15
CA TYR B 50 3.81 -3.21 24.59
C TYR B 50 2.76 -3.32 23.47
N PRO B 51 1.94 -4.39 23.49
CA PRO B 51 1.03 -4.73 22.38
C PRO B 51 0.02 -3.66 21.97
N ALA B 52 -0.83 -3.21 22.90
CA ALA B 52 -1.92 -2.30 22.55
C ALA B 52 -2.49 -1.52 23.72
N ASP B 53 -2.86 -0.27 23.43
CA ASP B 53 -3.62 0.55 24.37
C ASP B 53 -5.04 -0.01 24.45
N PHE B 54 -5.68 0.23 25.60
CA PHE B 54 -7.01 -0.30 25.92
C PHE B 54 -7.05 -1.82 25.91
N SER B 55 -6.07 -2.43 26.58
CA SER B 55 -6.05 -3.86 26.84
C SER B 55 -5.97 -4.08 28.35
N PHE B 56 -6.15 -5.32 28.78
CA PHE B 56 -6.25 -5.64 30.20
C PHE B 56 -4.90 -5.96 30.86
N VAL B 57 -3.96 -6.47 30.07
CA VAL B 57 -2.68 -6.95 30.59
C VAL B 57 -1.59 -5.87 30.59
N CYS B 58 -1.71 -4.89 29.70
CA CYS B 58 -0.70 -3.82 29.55
C CYS B 58 -0.61 -2.82 30.72
N PRO B 59 -1.76 -2.37 31.28
CA PRO B 59 -1.73 -1.34 32.33
C PRO B 59 -0.83 -1.66 33.52
N THR B 60 -0.88 -2.91 34.00
CA THR B 60 -0.10 -3.31 35.17
C THR B 60 1.41 -3.17 34.94
N GLU B 61 1.86 -3.47 33.73
CA GLU B 61 3.29 -3.36 33.38
C GLU B 61 3.76 -1.90 33.37
N LEU B 62 3.00 -1.05 32.68
CA LEU B 62 3.33 0.37 32.55
C LEU B 62 3.22 1.09 33.90
N GLY B 63 2.23 0.69 34.70
CA GLY B 63 2.08 1.23 36.06
C GLY B 63 3.24 0.85 36.97
N ASP B 64 3.71 -0.39 36.84
CA ASP B 64 4.83 -0.87 37.65
C ASP B 64 6.09 -0.05 37.35
N MET B 65 6.28 0.32 36.09
CA MET B 65 7.42 1.15 35.69
C MET B 65 7.34 2.56 36.29
N GLN B 66 6.13 3.12 36.35
CA GLN B 66 5.93 4.43 36.96
C GLN B 66 6.27 4.43 38.45
N GLU B 67 5.96 3.33 39.13
CA GLU B 67 6.35 3.17 40.53
C GLU B 67 7.87 3.21 40.69
N HIS B 68 8.59 2.59 39.75
CA HIS B 68 10.05 2.59 39.74
C HIS B 68 10.69 3.75 38.95
N TYR B 69 9.88 4.66 38.43
CA TYR B 69 10.37 5.71 37.54
C TYR B 69 11.23 6.74 38.26
N ALA B 70 10.78 7.20 39.43
CA ALA B 70 11.54 8.17 40.23
C ALA B 70 12.93 7.64 40.60
N HIS B 71 13.01 6.35 40.89
CA HIS B 71 14.29 5.69 41.16
C HIS B 71 15.17 5.65 39.92
N LEU B 72 14.57 5.40 38.76
CA LEU B 72 15.30 5.41 37.48
C LEU B 72 15.74 6.81 37.07
N GLN B 73 15.03 7.84 37.53
CA GLN B 73 15.45 9.23 37.34
C GLN B 73 16.73 9.54 38.11
N GLU B 74 16.84 9.03 39.34
CA GLU B 74 18.06 9.16 40.16
C GLU B 74 19.24 8.44 39.51
N LEU B 75 18.97 7.28 38.91
CA LEU B 75 19.99 6.50 38.21
C LEU B 75 20.31 7.09 36.82
N ASN B 76 19.74 8.24 36.50
CA ASN B 76 20.01 8.94 35.24
C ASN B 76 19.48 8.17 34.02
N CYS B 77 18.28 7.64 34.13
CA CYS B 77 17.66 6.86 33.05
C CYS B 77 16.23 7.28 32.77
N GLU B 78 15.94 7.55 31.50
CA GLU B 78 14.59 7.90 31.04
C GLU B 78 13.89 6.65 30.50
N VAL B 79 12.58 6.58 30.71
CA VAL B 79 11.76 5.48 30.22
C VAL B 79 10.95 5.93 29.01
N TYR B 80 10.91 5.10 27.98
CA TYR B 80 10.13 5.37 26.78
C TYR B 80 9.22 4.19 26.48
N SER B 81 7.93 4.32 26.79
CA SER B 81 6.97 3.29 26.40
C SER B 81 6.66 3.47 24.92
N VAL B 82 6.52 2.34 24.22
CA VAL B 82 6.28 2.35 22.79
C VAL B 82 5.20 1.36 22.43
N SER B 83 4.28 1.78 21.57
CA SER B 83 3.35 0.85 20.93
C SER B 83 2.94 1.41 19.57
N GLU B 84 2.23 0.59 18.80
CA GLU B 84 1.84 0.96 17.44
C GLU B 84 0.64 1.91 17.39
N ASP B 85 0.08 2.26 18.56
CA ASP B 85 -1.01 3.22 18.63
C ASP B 85 -0.52 4.62 18.31
N SER B 86 -1.45 5.50 17.94
CA SER B 86 -1.13 6.90 17.71
C SER B 86 -0.99 7.63 19.04
N HIS B 87 -0.45 8.84 18.98
CA HIS B 87 -0.33 9.70 20.16
C HIS B 87 -1.72 10.10 20.68
N TYR B 88 -2.67 10.32 19.76
CA TYR B 88 -4.06 10.60 20.14
C TYR B 88 -4.62 9.54 21.08
N VAL B 89 -4.31 8.27 20.78
CA VAL B 89 -4.80 7.15 21.57
C VAL B 89 -4.18 7.11 22.98
N HIS B 90 -2.92 7.53 23.10
CA HIS B 90 -2.25 7.56 24.42
C HIS B 90 -2.93 8.54 25.38
N LYS B 91 -3.21 9.76 24.89
CA LYS B 91 -3.93 10.75 25.68
C LYS B 91 -5.30 10.23 26.12
N ALA B 92 -6.03 9.60 25.19
CA ALA B 92 -7.33 9.02 25.50
C ALA B 92 -7.24 7.92 26.55
N TRP B 93 -6.21 7.09 26.44
CA TRP B 93 -5.97 6.00 27.37
C TRP B 93 -5.60 6.52 28.75
N ALA B 94 -4.87 7.65 28.79
CA ALA B 94 -4.51 8.29 30.05
C ALA B 94 -5.75 8.88 30.74
N ASP B 95 -6.65 9.48 29.96
CA ASP B 95 -7.88 10.06 30.49
C ASP B 95 -8.85 9.00 31.00
N ALA B 96 -8.90 7.86 30.31
CA ALA B 96 -9.87 6.82 30.62
C ALA B 96 -9.53 6.05 31.91
N THR B 97 -8.26 5.70 32.08
CA THR B 97 -7.83 4.89 33.22
C THR B 97 -6.81 5.63 34.11
N GLU B 98 -6.95 5.47 35.42
CA GLU B 98 -6.08 6.15 36.39
C GLU B 98 -4.63 5.61 36.36
N THR B 99 -4.49 4.31 36.17
CA THR B 99 -3.17 3.68 36.08
C THR B 99 -2.30 4.37 35.04
N ILE B 100 -2.88 4.61 33.87
CA ILE B 100 -2.18 5.24 32.76
C ILE B 100 -2.11 6.76 32.98
N GLY B 101 -3.14 7.32 33.62
CA GLY B 101 -3.20 8.75 33.91
C GLY B 101 -2.09 9.28 34.80
N LYS B 102 -1.55 8.43 35.67
CA LYS B 102 -0.47 8.81 36.58
C LYS B 102 0.92 8.66 35.96
N ILE B 103 1.01 8.14 34.74
CA ILE B 103 2.30 7.94 34.05
C ILE B 103 3.01 9.28 33.85
N LYS B 104 4.25 9.35 34.30
CA LYS B 104 5.06 10.57 34.21
C LYS B 104 6.05 10.51 33.05
N TYR B 105 6.52 9.30 32.72
CA TYR B 105 7.45 9.12 31.61
C TYR B 105 6.76 9.29 30.26
N PRO B 106 7.52 9.68 29.22
CA PRO B 106 6.93 9.88 27.88
C PRO B 106 6.44 8.61 27.21
N MET B 107 5.32 8.71 26.51
CA MET B 107 4.71 7.58 25.82
C MET B 107 4.84 7.73 24.31
N LEU B 108 5.79 7.01 23.72
CA LEU B 108 6.05 7.12 22.29
C LEU B 108 4.97 6.43 21.47
N ALA B 109 4.67 6.99 20.30
CA ALA B 109 3.70 6.43 19.37
C ALA B 109 4.42 5.96 18.13
N ASP B 110 4.05 4.79 17.64
CA ASP B 110 4.75 4.18 16.50
C ASP B 110 3.79 3.56 15.48
N PRO B 111 2.84 4.36 14.92
CA PRO B 111 1.98 3.81 13.87
C PRO B 111 2.72 3.43 12.58
N ASN B 112 3.88 4.05 12.34
CA ASN B 112 4.78 3.65 11.25
C ASN B 112 5.35 2.27 11.42
N GLY B 113 5.60 1.88 12.66
CA GLY B 113 6.33 0.66 12.97
C GLY B 113 7.84 0.82 12.84
N GLN B 114 8.31 2.06 12.71
CA GLN B 114 9.73 2.31 12.48
C GLN B 114 10.56 1.86 13.67
N LEU B 115 10.06 2.08 14.88
CA LEU B 115 10.74 1.64 16.09
C LEU B 115 10.64 0.13 16.27
N ALA B 116 9.41 -0.37 16.20
CA ALA B 116 9.18 -1.81 16.29
C ALA B 116 10.02 -2.59 15.27
N ARG B 117 10.08 -2.10 14.02
CA ARG B 117 10.87 -2.75 12.98
C ARG B 117 12.38 -2.63 13.21
N PHE B 118 12.84 -1.48 13.67
CA PHE B 118 14.26 -1.30 13.97
C PHE B 118 14.66 -2.24 15.10
N PHE B 119 13.90 -2.22 16.17
CA PHE B 119 14.12 -3.12 17.31
C PHE B 119 13.77 -4.58 16.96
N GLY B 120 13.12 -4.78 15.82
CA GLY B 120 12.91 -6.11 15.26
C GLY B 120 11.84 -6.89 16.00
N VAL B 121 10.87 -6.17 16.54
CA VAL B 121 10.00 -6.69 17.56
C VAL B 121 8.51 -6.52 17.21
N LEU B 122 8.22 -6.33 15.92
CA LEU B 122 6.85 -6.21 15.44
C LEU B 122 6.30 -7.57 15.03
N ASP B 123 5.02 -7.79 15.32
CA ASP B 123 4.30 -8.96 14.84
C ASP B 123 3.46 -8.54 13.62
N GLU B 124 4.00 -8.77 12.43
CA GLU B 124 3.37 -8.34 11.18
C GLU B 124 1.91 -8.79 11.04
N ALA B 125 1.61 -9.99 11.52
CA ALA B 125 0.25 -10.54 11.46
C ALA B 125 -0.75 -9.65 12.18
N SER B 126 -0.44 -9.31 13.43
CA SER B 126 -1.32 -8.48 14.27
C SER B 126 -1.06 -6.98 14.10
N GLY B 127 0.13 -6.63 13.62
CA GLY B 127 0.55 -5.23 13.53
C GLY B 127 0.71 -4.61 14.91
N MET B 128 1.16 -5.42 15.86
CA MET B 128 1.37 -4.98 17.23
C MET B 128 2.73 -5.46 17.74
N ALA B 129 3.31 -4.68 18.65
CA ALA B 129 4.64 -4.97 19.18
C ALA B 129 4.56 -6.03 20.26
N TYR B 130 5.64 -6.82 20.39
CA TYR B 130 5.76 -7.79 21.48
C TYR B 130 6.07 -7.08 22.79
N ARG B 131 5.91 -7.81 23.89
CA ARG B 131 6.29 -7.32 25.20
C ARG B 131 7.81 -7.41 25.33
N ALA B 132 8.48 -6.35 24.88
CA ALA B 132 9.95 -6.31 24.86
C ALA B 132 10.47 -5.08 25.59
N SER B 133 11.65 -5.23 26.19
CA SER B 133 12.31 -4.15 26.92
C SER B 133 13.76 -4.06 26.47
N PHE B 134 14.20 -2.86 26.06
CA PHE B 134 15.58 -2.63 25.65
C PHE B 134 16.28 -1.60 26.54
N ILE B 135 17.42 -1.98 27.12
CA ILE B 135 18.27 -1.04 27.85
C ILE B 135 19.32 -0.47 26.88
N VAL B 136 19.41 0.86 26.82
CA VAL B 136 20.31 1.54 25.90
C VAL B 136 21.18 2.55 26.66
N SER B 137 22.46 2.62 26.26
CA SER B 137 23.43 3.50 26.91
C SER B 137 23.30 4.94 26.40
N PRO B 138 23.93 5.91 27.10
CA PRO B 138 24.00 7.30 26.61
C PRO B 138 24.59 7.48 25.21
N GLU B 139 25.49 6.58 24.79
CA GLU B 139 26.06 6.61 23.44
C GLU B 139 25.10 6.03 22.40
N GLY B 140 23.98 5.47 22.83
CA GLY B 140 22.98 4.89 21.93
C GLY B 140 23.12 3.39 21.71
N ASP B 141 24.13 2.78 22.33
CA ASP B 141 24.40 1.36 22.18
C ASP B 141 23.40 0.50 22.95
N ILE B 142 22.75 -0.43 22.27
CA ILE B 142 21.85 -1.37 22.92
C ILE B 142 22.67 -2.34 23.76
N LYS B 143 22.32 -2.49 25.04
CA LYS B 143 23.17 -3.20 26.00
C LYS B 143 22.58 -4.50 26.57
N SER B 144 21.27 -4.52 26.80
CA SER B 144 20.63 -5.68 27.38
C SER B 144 19.14 -5.62 27.12
N TYR B 145 18.57 -6.71 26.63
CA TYR B 145 17.16 -6.72 26.30
C TYR B 145 16.47 -8.07 26.48
N GLU B 146 15.15 -8.05 26.37
CA GLU B 146 14.32 -9.24 26.48
C GLU B 146 13.12 -9.12 25.55
N ILE B 147 12.67 -10.25 25.02
CA ILE B 147 11.50 -10.28 24.14
C ILE B 147 10.54 -11.38 24.61
N ASN B 148 9.37 -10.95 25.09
CA ASN B 148 8.32 -11.88 25.51
C ASN B 148 7.20 -11.96 24.48
N ASP B 149 6.62 -13.15 24.33
CA ASP B 149 5.42 -13.34 23.51
C ASP B 149 4.26 -12.62 24.18
N MET B 150 3.20 -12.36 23.42
CA MET B 150 1.96 -11.80 23.97
C MET B 150 1.48 -12.73 25.08
N GLY B 151 1.01 -12.15 26.18
CA GLY B 151 0.50 -12.93 27.31
C GLY B 151 1.48 -13.13 28.46
N ILE B 152 2.77 -13.07 28.18
CA ILE B 152 3.79 -13.23 29.21
C ILE B 152 4.24 -11.85 29.71
N GLY B 153 3.80 -11.49 30.91
CA GLY B 153 4.12 -10.19 31.50
C GLY B 153 5.55 -10.05 31.95
N ARG B 154 5.90 -8.85 32.40
CA ARG B 154 7.26 -8.51 32.80
C ARG B 154 7.35 -8.11 34.27
N ASN B 155 8.58 -7.88 34.74
CA ASN B 155 8.84 -7.55 36.14
C ASN B 155 9.71 -6.30 36.24
N ALA B 156 9.08 -5.15 36.48
CA ALA B 156 9.77 -3.85 36.48
C ALA B 156 11.01 -3.83 37.37
N GLU B 157 11.00 -4.59 38.46
CA GLU B 157 12.16 -4.70 39.35
C GLU B 157 13.38 -5.26 38.63
N GLU B 158 13.16 -6.24 37.75
CA GLU B 158 14.27 -6.85 37.01
C GLU B 158 14.93 -5.86 36.05
N LEU B 159 14.13 -5.05 35.35
CA LEU B 159 14.67 -4.01 34.47
C LEU B 159 15.59 -3.05 35.23
N VAL B 160 15.19 -2.69 36.44
CA VAL B 160 15.98 -1.79 37.28
C VAL B 160 17.30 -2.46 37.66
N ARG B 161 17.24 -3.72 38.08
CA ARG B 161 18.45 -4.48 38.42
C ARG B 161 19.39 -4.62 37.24
N LYS B 162 18.83 -4.85 36.05
CA LYS B 162 19.64 -4.96 34.83
C LYS B 162 20.29 -3.62 34.46
N LEU B 163 19.54 -2.54 34.63
CA LEU B 163 20.07 -1.21 34.37
C LEU B 163 21.14 -0.81 35.38
N GLU B 164 20.88 -1.11 36.65
CA GLU B 164 21.88 -0.94 37.70
C GLU B 164 23.13 -1.77 37.39
N ALA B 165 22.91 -3.01 36.95
CA ALA B 165 24.01 -3.92 36.62
C ALA B 165 24.79 -3.47 35.40
N SER B 166 24.09 -3.05 34.35
CA SER B 166 24.74 -2.61 33.12
C SER B 166 25.45 -1.26 33.28
N GLN B 167 24.96 -0.43 34.20
CA GLN B 167 25.64 0.82 34.57
C GLN B 167 26.93 0.56 35.34
N PHE B 168 26.86 -0.38 36.27
CA PHE B 168 28.01 -0.79 37.06
C PHE B 168 29.18 -1.21 36.17
N VAL B 169 28.88 -1.99 35.14
CA VAL B 169 29.89 -2.43 34.16
C VAL B 169 30.45 -1.24 33.37
N ALA B 170 29.57 -0.31 33.00
CA ALA B 170 29.96 0.87 32.24
C ALA B 170 30.92 1.78 33.02
N GLU B 171 30.72 1.88 34.32
CA GLU B 171 31.61 2.66 35.19
C GLU B 171 32.96 1.97 35.33
N HIS B 172 32.94 0.69 35.70
CA HIS B 172 34.16 -0.10 35.88
C HIS B 172 34.39 -0.97 34.64
N GLY B 173 34.98 -0.35 33.61
CA GLY B 173 35.11 -0.93 32.26
C GLY B 173 35.29 -2.44 32.16
N ASP B 174 34.36 -3.08 31.42
CA ASP B 174 34.45 -4.50 31.06
C ASP B 174 34.52 -5.46 32.25
N LYS B 175 33.80 -5.12 33.33
CA LYS B 175 33.74 -5.95 34.55
C LYS B 175 35.15 -6.20 35.11
N VAL B 176 35.78 -5.13 35.58
CA VAL B 176 37.13 -5.19 36.15
C VAL B 176 37.11 -5.33 37.68
N CYS B 177 35.97 -5.04 38.30
CA CYS B 177 35.83 -5.09 39.77
C CYS B 177 36.29 -6.43 40.34
N MET C 12 -2.31 2.17 -12.99
CA MET C 12 -2.27 2.74 -11.60
C MET C 12 -3.67 3.18 -11.12
N ASN C 13 -4.64 2.27 -11.22
CA ASN C 13 -5.96 2.48 -10.62
C ASN C 13 -6.65 1.14 -10.37
N LEU C 14 -7.64 1.14 -9.49
CA LEU C 14 -8.27 -0.07 -9.00
C LEU C 14 -9.63 -0.41 -9.63
N ILE C 15 -10.11 0.40 -10.58
CA ILE C 15 -11.39 0.11 -11.24
C ILE C 15 -11.39 -1.34 -11.76
N ASN C 16 -12.47 -2.06 -11.49
CA ASN C 16 -12.62 -3.47 -11.87
C ASN C 16 -11.53 -4.39 -11.35
N GLN C 17 -11.07 -4.15 -10.12
CA GLN C 17 -10.15 -5.05 -9.43
C GLN C 17 -10.91 -5.72 -8.28
N LYS C 18 -10.77 -7.03 -8.16
CA LYS C 18 -11.45 -7.78 -7.11
C LYS C 18 -10.72 -7.68 -5.78
N LEU C 19 -11.48 -7.75 -4.69
CA LEU C 19 -10.90 -7.76 -3.36
C LEU C 19 -10.08 -9.02 -3.14
N PHE C 20 -8.85 -8.84 -2.68
CA PHE C 20 -8.02 -9.94 -2.20
C PHE C 20 -8.65 -10.62 -0.98
N ASP C 21 -8.40 -11.91 -0.84
CA ASP C 21 -8.91 -12.67 0.30
C ASP C 21 -8.16 -12.24 1.55
N PHE C 22 -8.92 -11.82 2.57
CA PHE C 22 -8.34 -11.32 3.80
C PHE C 22 -9.24 -11.64 5.00
N GLU C 23 -8.70 -11.38 6.19
CA GLU C 23 -9.48 -11.51 7.42
C GLU C 23 -8.95 -10.50 8.44
N CYS C 24 -9.86 -9.86 9.16
CA CYS C 24 -9.48 -8.86 10.15
C CYS C 24 -10.48 -8.78 11.30
N ASP C 25 -10.02 -8.28 12.44
CA ASP C 25 -10.89 -8.03 13.59
C ASP C 25 -11.70 -6.78 13.35
N ALA C 26 -12.84 -6.67 14.03
CA ALA C 26 -13.72 -5.53 13.88
C ALA C 26 -14.60 -5.30 15.11
N TYR C 27 -14.92 -4.03 15.37
CA TYR C 27 -15.90 -3.66 16.37
C TYR C 27 -17.23 -3.40 15.65
N HIS C 28 -18.25 -4.17 16.00
CA HIS C 28 -19.52 -4.11 15.31
C HIS C 28 -20.68 -4.34 16.29
N ASP C 29 -21.47 -3.28 16.51
CA ASP C 29 -22.67 -3.36 17.33
C ASP C 29 -22.36 -3.82 18.76
N GLY C 30 -21.40 -3.13 19.39
CA GLY C 30 -21.04 -3.40 20.78
C GLY C 30 -20.35 -4.74 21.04
N GLU C 31 -19.69 -5.29 20.03
CA GLU C 31 -18.98 -6.57 20.18
C GLU C 31 -17.93 -6.78 19.10
N PHE C 32 -16.93 -7.63 19.41
CA PHE C 32 -15.87 -7.94 18.47
C PHE C 32 -16.22 -9.14 17.61
N THR C 33 -16.06 -8.98 16.30
CA THR C 33 -16.34 -10.05 15.34
C THR C 33 -15.31 -10.03 14.23
N ARG C 34 -14.92 -11.21 13.73
CA ARG C 34 -14.02 -11.30 12.59
C ARG C 34 -14.79 -11.12 11.28
N VAL C 35 -14.19 -10.35 10.36
CA VAL C 35 -14.78 -10.08 9.04
C VAL C 35 -13.83 -10.55 7.95
N SER C 36 -14.40 -11.12 6.88
CA SER C 36 -13.60 -11.58 5.74
C SER C 36 -14.33 -11.29 4.43
N THR C 37 -13.67 -11.59 3.31
CA THR C 37 -14.27 -11.42 1.98
C THR C 37 -15.54 -12.24 1.82
N GLU C 38 -15.53 -13.45 2.40
CA GLU C 38 -16.72 -14.29 2.43
C GLU C 38 -17.93 -13.50 2.91
N ASP C 39 -17.74 -12.75 4.00
CA ASP C 39 -18.82 -11.96 4.59
C ASP C 39 -19.19 -10.75 3.74
N ILE C 40 -18.19 -10.17 3.07
CA ILE C 40 -18.38 -8.96 2.28
C ILE C 40 -19.04 -9.25 0.94
N LEU C 41 -18.59 -10.31 0.27
CA LEU C 41 -19.16 -10.71 -1.03
C LEU C 41 -20.65 -11.03 -0.94
N GLY C 42 -21.35 -10.89 -2.06
CA GLY C 42 -22.78 -11.15 -2.13
C GLY C 42 -23.63 -9.90 -1.98
N LYS C 43 -23.03 -8.83 -1.45
CA LYS C 43 -23.71 -7.54 -1.28
C LYS C 43 -22.78 -6.40 -1.66
N TRP C 44 -23.36 -5.27 -2.03
CA TRP C 44 -22.60 -4.05 -2.28
C TRP C 44 -21.88 -3.62 -1.02
N SER C 45 -20.77 -2.90 -1.19
CA SER C 45 -19.90 -2.59 -0.07
C SER C 45 -19.23 -1.22 -0.25
N ILE C 46 -19.22 -0.44 0.83
CA ILE C 46 -18.46 0.81 0.89
C ILE C 46 -17.36 0.65 1.93
N PHE C 47 -16.11 0.80 1.49
CA PHE C 47 -14.96 0.83 2.40
C PHE C 47 -14.60 2.28 2.71
N PHE C 48 -14.82 2.68 3.96
CA PHE C 48 -14.66 4.07 4.40
C PHE C 48 -13.40 4.23 5.27
N PHE C 49 -12.29 4.62 4.63
CA PHE C 49 -11.03 4.81 5.34
C PHE C 49 -10.99 6.16 6.03
N TYR C 50 -10.35 6.23 7.20
CA TYR C 50 -10.16 7.49 7.90
C TYR C 50 -8.87 7.48 8.74
N PRO C 51 -8.26 8.66 8.98
CA PRO C 51 -6.92 8.74 9.58
C PRO C 51 -6.77 8.12 10.97
N ALA C 52 -7.56 8.57 11.94
CA ALA C 52 -7.31 8.18 13.33
C ALA C 52 -8.49 8.31 14.28
N ASP C 53 -8.66 7.30 15.13
CA ASP C 53 -9.57 7.36 16.27
C ASP C 53 -9.06 8.37 17.29
N PHE C 54 -9.97 8.90 18.09
CA PHE C 54 -9.68 9.91 19.12
C PHE C 54 -8.99 11.16 18.57
N SER C 55 -9.27 11.50 17.32
CA SER C 55 -8.69 12.69 16.70
C SER C 55 -9.34 13.93 17.30
N PHE C 56 -8.56 15.00 17.43
CA PHE C 56 -9.09 16.30 17.86
C PHE C 56 -10.08 16.82 16.81
N VAL C 57 -9.88 16.38 15.56
CA VAL C 57 -10.85 16.60 14.48
C VAL C 57 -12.13 15.85 14.81
N CYS C 58 -13.27 16.51 14.64
CA CYS C 58 -14.58 15.92 14.89
C CYS C 58 -14.91 14.87 13.83
N PRO C 59 -15.33 13.67 14.26
CA PRO C 59 -15.71 12.60 13.32
C PRO C 59 -17.15 12.75 12.83
N THR C 60 -17.42 13.84 12.14
CA THR C 60 -18.75 14.09 11.56
C THR C 60 -18.95 13.23 10.32
N GLU C 61 -17.85 12.77 9.71
CA GLU C 61 -17.90 11.88 8.56
C GLU C 61 -18.53 10.54 8.92
N LEU C 62 -18.08 9.97 10.04
CA LEU C 62 -18.61 8.69 10.53
C LEU C 62 -20.06 8.83 10.96
N GLY C 63 -20.37 9.95 11.62
CA GLY C 63 -21.75 10.27 11.98
C GLY C 63 -22.65 10.46 10.77
N ASP C 64 -22.14 11.15 9.75
CA ASP C 64 -22.89 11.37 8.52
C ASP C 64 -23.18 10.07 7.78
N MET C 65 -22.25 9.12 7.83
CA MET C 65 -22.47 7.79 7.24
C MET C 65 -23.54 7.02 8.02
N GLN C 66 -23.57 7.19 9.34
CA GLN C 66 -24.58 6.54 10.17
C GLN C 66 -25.98 7.09 9.87
N GLU C 67 -26.10 8.41 9.71
CA GLU C 67 -27.36 9.04 9.34
C GLU C 67 -27.96 8.44 8.07
N HIS C 68 -27.11 8.13 7.10
CA HIS C 68 -27.55 7.54 5.84
C HIS C 68 -27.36 6.02 5.79
N TYR C 69 -26.97 5.41 6.91
CA TYR C 69 -26.70 3.97 6.93
C TYR C 69 -27.97 3.16 6.67
N ALA C 70 -29.09 3.60 7.24
CA ALA C 70 -30.38 2.96 7.00
C ALA C 70 -30.75 3.01 5.51
N HIS C 71 -30.49 4.14 4.88
CA HIS C 71 -30.66 4.29 3.42
C HIS C 71 -29.83 3.22 2.70
N LEU C 72 -28.56 3.12 3.07
CA LEU C 72 -27.63 2.17 2.44
C LEU C 72 -28.00 0.72 2.72
N GLN C 73 -28.58 0.47 3.89
CA GLN C 73 -29.11 -0.85 4.22
C GLN C 73 -30.16 -1.30 3.19
N GLU C 74 -31.07 -0.39 2.88
CA GLU C 74 -32.17 -0.68 1.95
C GLU C 74 -31.75 -0.75 0.48
N LEU C 75 -30.55 -0.24 0.16
CA LEU C 75 -29.97 -0.41 -1.17
C LEU C 75 -29.04 -1.63 -1.23
N ASN C 76 -29.18 -2.55 -0.28
CA ASN C 76 -28.40 -3.79 -0.23
C ASN C 76 -26.89 -3.51 -0.16
N CYS C 77 -26.51 -2.59 0.73
CA CYS C 77 -25.12 -2.16 0.85
C CYS C 77 -24.68 -2.01 2.31
N GLU C 78 -23.66 -2.79 2.68
CA GLU C 78 -23.07 -2.72 4.02
C GLU C 78 -21.91 -1.72 4.03
N VAL C 79 -21.71 -1.04 5.16
CA VAL C 79 -20.65 -0.04 5.31
C VAL C 79 -19.54 -0.59 6.19
N TYR C 80 -18.29 -0.45 5.73
CA TYR C 80 -17.12 -0.91 6.49
C TYR C 80 -16.14 0.24 6.68
N SER C 81 -16.14 0.84 7.86
CA SER C 81 -15.16 1.88 8.19
C SER C 81 -13.82 1.22 8.50
N VAL C 82 -12.73 1.88 8.13
CA VAL C 82 -11.39 1.32 8.27
C VAL C 82 -10.39 2.38 8.74
N SER C 83 -9.57 2.01 9.71
CA SER C 83 -8.40 2.80 10.09
C SER C 83 -7.31 1.89 10.62
N GLU C 84 -6.13 2.46 10.88
CA GLU C 84 -4.99 1.69 11.35
C GLU C 84 -5.04 1.45 12.86
N ASP C 85 -6.09 1.93 13.52
CA ASP C 85 -6.29 1.65 14.94
C ASP C 85 -6.74 0.21 15.13
N SER C 86 -6.58 -0.29 16.34
CA SER C 86 -7.01 -1.65 16.67
C SER C 86 -8.49 -1.66 17.01
N HIS C 87 -9.05 -2.86 17.04
CA HIS C 87 -10.44 -3.05 17.47
C HIS C 87 -10.66 -2.64 18.92
N TYR C 88 -9.61 -2.80 19.74
CA TYR C 88 -9.62 -2.32 21.13
C TYR C 88 -9.87 -0.81 21.19
N VAL C 89 -9.21 -0.06 20.32
CA VAL C 89 -9.34 1.39 20.26
C VAL C 89 -10.70 1.84 19.73
N HIS C 90 -11.29 1.06 18.82
CA HIS C 90 -12.63 1.37 18.32
C HIS C 90 -13.69 1.32 19.42
N LYS C 91 -13.67 0.26 20.22
CA LYS C 91 -14.62 0.09 21.34
C LYS C 91 -14.54 1.24 22.34
N ALA C 92 -13.31 1.64 22.69
CA ALA C 92 -13.10 2.73 23.62
C ALA C 92 -13.57 4.07 23.07
N TRP C 93 -13.44 4.24 21.75
CA TRP C 93 -13.89 5.45 21.07
C TRP C 93 -15.41 5.56 21.11
N ALA C 94 -16.09 4.43 20.94
CA ALA C 94 -17.55 4.36 21.02
C ALA C 94 -18.06 4.67 22.43
N ASP C 95 -17.35 4.16 23.43
CA ASP C 95 -17.73 4.39 24.84
C ASP C 95 -17.47 5.83 25.29
N ALA C 96 -16.55 6.52 24.61
CA ALA C 96 -16.17 7.87 24.99
C ALA C 96 -17.06 8.94 24.36
N THR C 97 -17.34 8.83 23.06
CA THR C 97 -18.09 9.83 22.32
C THR C 97 -19.42 9.28 21.79
N GLU C 98 -20.48 10.08 21.92
CA GLU C 98 -21.83 9.67 21.50
C GLU C 98 -21.93 9.47 19.99
N THR C 99 -21.17 10.24 19.22
CA THR C 99 -21.20 10.17 17.76
C THR C 99 -20.82 8.79 17.23
N ILE C 100 -19.79 8.19 17.83
CA ILE C 100 -19.37 6.84 17.45
C ILE C 100 -20.23 5.78 18.17
N GLY C 101 -20.70 6.12 19.37
CA GLY C 101 -21.62 5.25 20.11
C GLY C 101 -22.87 4.86 19.33
N LYS C 102 -23.35 5.78 18.48
CA LYS C 102 -24.53 5.53 17.64
C LYS C 102 -24.23 4.79 16.34
N ILE C 103 -22.95 4.47 16.08
CA ILE C 103 -22.57 3.78 14.85
C ILE C 103 -23.04 2.34 14.90
N LYS C 104 -23.75 1.92 13.85
CA LYS C 104 -24.30 0.56 13.78
C LYS C 104 -23.55 -0.32 12.77
N TYR C 105 -22.96 0.29 11.75
CA TYR C 105 -22.15 -0.43 10.78
C TYR C 105 -20.82 -0.92 11.37
N PRO C 106 -20.25 -2.01 10.82
CA PRO C 106 -19.01 -2.58 11.37
C PRO C 106 -17.78 -1.68 11.21
N MET C 107 -16.95 -1.61 12.24
CA MET C 107 -15.73 -0.81 12.23
C MET C 107 -14.51 -1.72 12.19
N LEU C 108 -13.93 -1.85 10.99
CA LEU C 108 -12.80 -2.74 10.77
C LEU C 108 -11.51 -2.15 11.33
N ALA C 109 -10.64 -3.02 11.84
CA ALA C 109 -9.33 -2.62 12.36
C ALA C 109 -8.24 -3.06 11.38
N ASP C 110 -7.29 -2.17 11.10
CA ASP C 110 -6.21 -2.45 10.15
C ASP C 110 -4.84 -2.04 10.71
N PRO C 111 -4.50 -2.53 11.92
CA PRO C 111 -3.21 -2.15 12.51
C PRO C 111 -1.97 -2.67 11.76
N ASN C 112 -2.14 -3.75 11.00
CA ASN C 112 -1.04 -4.29 10.18
C ASN C 112 -1.00 -3.73 8.75
N GLY C 113 -1.91 -2.81 8.42
CA GLY C 113 -1.91 -2.12 7.12
C GLY C 113 -2.42 -2.93 5.95
N GLN C 114 -2.82 -4.17 6.22
CA GLN C 114 -3.31 -5.13 5.22
C GLN C 114 -4.25 -4.49 4.20
N LEU C 115 -5.34 -3.91 4.69
CA LEU C 115 -6.36 -3.28 3.84
C LEU C 115 -5.88 -1.98 3.22
N ALA C 116 -5.27 -1.12 4.05
CA ALA C 116 -4.79 0.18 3.60
C ALA C 116 -3.80 0.05 2.44
N ARG C 117 -2.88 -0.91 2.55
CA ARG C 117 -1.89 -1.17 1.50
C ARG C 117 -2.51 -1.73 0.23
N PHE C 118 -3.48 -2.63 0.37
CA PHE C 118 -4.16 -3.18 -0.80
C PHE C 118 -4.82 -2.08 -1.62
N PHE C 119 -5.58 -1.22 -0.94
CA PHE C 119 -6.25 -0.10 -1.60
C PHE C 119 -5.28 1.05 -1.95
N GLY C 120 -4.08 1.02 -1.39
CA GLY C 120 -3.06 2.02 -1.70
C GLY C 120 -3.40 3.37 -1.12
N VAL C 121 -3.84 3.37 0.15
CA VAL C 121 -4.30 4.59 0.81
C VAL C 121 -3.61 4.83 2.16
N LEU C 122 -2.48 4.17 2.38
CA LEU C 122 -1.72 4.32 3.61
C LEU C 122 -0.64 5.38 3.42
N ASP C 123 -0.62 6.37 4.32
CA ASP C 123 0.51 7.29 4.40
C ASP C 123 1.59 6.64 5.26
N GLU C 124 2.67 6.19 4.62
CA GLU C 124 3.71 5.43 5.32
C GLU C 124 4.41 6.26 6.40
N ALA C 125 4.50 7.58 6.20
CA ALA C 125 5.21 8.47 7.11
C ALA C 125 4.49 8.69 8.43
N SER C 126 3.16 8.72 8.41
CA SER C 126 2.36 8.87 9.62
C SER C 126 1.81 7.53 10.12
N GLY C 127 1.77 6.54 9.23
CA GLY C 127 1.20 5.22 9.57
C GLY C 127 -0.32 5.24 9.64
N MET C 128 -0.93 6.17 8.91
CA MET C 128 -2.37 6.38 8.96
C MET C 128 -2.95 6.43 7.55
N ALA C 129 -4.19 5.96 7.41
CA ALA C 129 -4.86 5.93 6.12
C ALA C 129 -5.40 7.31 5.78
N TYR C 130 -5.49 7.58 4.48
CA TYR C 130 -6.08 8.85 4.01
C TYR C 130 -7.60 8.79 4.13
N ARG C 131 -8.25 9.92 3.90
CA ARG C 131 -9.70 9.97 3.87
C ARG C 131 -10.19 9.44 2.54
N ALA C 132 -10.28 8.11 2.45
CA ALA C 132 -10.57 7.43 1.19
C ALA C 132 -11.83 6.60 1.28
N SER C 133 -12.61 6.61 0.19
CA SER C 133 -13.86 5.87 0.11
C SER C 133 -13.85 5.03 -1.15
N PHE C 134 -14.23 3.76 -1.03
CA PHE C 134 -14.27 2.84 -2.17
C PHE C 134 -15.63 2.17 -2.27
N ILE C 135 -16.22 2.18 -3.46
CA ILE C 135 -17.48 1.50 -3.71
C ILE C 135 -17.18 0.20 -4.45
N VAL C 136 -17.54 -0.92 -3.83
CA VAL C 136 -17.26 -2.26 -4.35
C VAL C 136 -18.56 -3.01 -4.59
N SER C 137 -18.59 -3.82 -5.65
CA SER C 137 -19.79 -4.57 -6.05
C SER C 137 -19.93 -5.87 -5.27
N PRO C 138 -21.12 -6.52 -5.35
CA PRO C 138 -21.31 -7.83 -4.72
C PRO C 138 -20.38 -8.90 -5.27
N GLU C 139 -20.00 -8.77 -6.54
CA GLU C 139 -19.05 -9.67 -7.18
C GLU C 139 -17.61 -9.41 -6.71
N GLY C 140 -17.37 -8.23 -6.13
CA GLY C 140 -16.07 -7.88 -5.55
C GLY C 140 -15.31 -6.79 -6.29
N ASP C 141 -15.85 -6.33 -7.42
CA ASP C 141 -15.15 -5.40 -8.27
C ASP C 141 -15.28 -3.96 -7.76
N ILE C 142 -14.16 -3.25 -7.72
CA ILE C 142 -14.14 -1.85 -7.29
C ILE C 142 -14.68 -0.97 -8.41
N LYS C 143 -15.80 -0.28 -8.16
CA LYS C 143 -16.50 0.45 -9.21
C LYS C 143 -16.13 1.93 -9.26
N SER C 144 -16.00 2.56 -8.10
CA SER C 144 -15.56 3.95 -8.05
C SER C 144 -15.01 4.29 -6.68
N TYR C 145 -14.05 5.20 -6.64
CA TYR C 145 -13.47 5.59 -5.37
C TYR C 145 -12.98 7.03 -5.32
N GLU C 146 -12.51 7.40 -4.14
CA GLU C 146 -12.24 8.78 -3.80
C GLU C 146 -11.10 8.78 -2.80
N ILE C 147 -10.12 9.66 -2.99
CA ILE C 147 -9.00 9.77 -2.06
C ILE C 147 -8.71 11.23 -1.74
N ASN C 148 -8.75 11.58 -0.45
CA ASN C 148 -8.51 12.94 0.02
C ASN C 148 -7.32 13.01 0.99
N ASP C 149 -6.68 14.17 1.06
CA ASP C 149 -5.61 14.42 2.02
C ASP C 149 -6.21 14.58 3.41
N MET C 150 -5.37 14.48 4.45
CA MET C 150 -5.81 14.75 5.82
C MET C 150 -6.27 16.22 5.89
N GLY C 151 -7.45 16.45 6.46
CA GLY C 151 -7.99 17.79 6.58
C GLY C 151 -9.07 18.13 5.57
N ILE C 152 -9.01 17.52 4.40
CA ILE C 152 -10.06 17.66 3.38
C ILE C 152 -11.19 16.67 3.67
N GLY C 153 -12.29 17.16 4.23
CA GLY C 153 -13.42 16.31 4.61
C GLY C 153 -14.26 15.83 3.45
N ARG C 154 -15.09 14.82 3.72
CA ARG C 154 -15.93 14.18 2.69
C ARG C 154 -17.41 14.50 2.90
N ASN C 155 -18.23 14.11 1.94
CA ASN C 155 -19.67 14.27 1.99
C ASN C 155 -20.36 12.92 1.81
N ALA C 156 -21.02 12.45 2.87
CA ALA C 156 -21.67 11.13 2.85
C ALA C 156 -22.76 11.04 1.79
N GLU C 157 -23.46 12.14 1.56
CA GLU C 157 -24.53 12.18 0.56
C GLU C 157 -23.97 11.93 -0.84
N GLU C 158 -22.78 12.43 -1.10
CA GLU C 158 -22.09 12.17 -2.36
C GLU C 158 -21.80 10.68 -2.56
N LEU C 159 -21.35 10.02 -1.50
CA LEU C 159 -21.07 8.57 -1.54
C LEU C 159 -22.33 7.77 -1.83
N VAL C 160 -23.43 8.17 -1.19
CA VAL C 160 -24.72 7.53 -1.45
C VAL C 160 -25.08 7.70 -2.92
N ARG C 161 -24.86 8.89 -3.46
CA ARG C 161 -25.17 9.18 -4.87
C ARG C 161 -24.36 8.29 -5.81
N LYS C 162 -23.08 8.13 -5.52
CA LYS C 162 -22.19 7.28 -6.32
C LYS C 162 -22.64 5.82 -6.26
N LEU C 163 -23.04 5.35 -5.09
CA LEU C 163 -23.55 3.99 -4.94
C LEU C 163 -24.80 3.83 -5.79
N GLU C 164 -25.75 4.75 -5.62
CA GLU C 164 -26.99 4.75 -6.40
C GLU C 164 -26.71 4.75 -7.90
N ALA C 165 -25.71 5.52 -8.32
CA ALA C 165 -25.33 5.61 -9.73
C ALA C 165 -24.68 4.32 -10.23
N SER C 166 -23.78 3.76 -9.43
CA SER C 166 -23.08 2.52 -9.82
C SER C 166 -24.03 1.33 -9.87
N GLN C 167 -25.01 1.30 -8.97
CA GLN C 167 -26.08 0.30 -9.02
C GLN C 167 -26.94 0.46 -10.27
N PHE C 168 -27.21 1.71 -10.63
CA PHE C 168 -28.00 2.05 -11.82
C PHE C 168 -27.41 1.40 -13.07
N VAL C 169 -26.09 1.52 -13.21
CA VAL C 169 -25.37 0.94 -14.34
C VAL C 169 -25.28 -0.58 -14.19
N ALA C 170 -25.04 -1.05 -12.96
CA ALA C 170 -24.89 -2.48 -12.68
C ALA C 170 -26.06 -3.30 -13.20
N GLU C 171 -27.28 -2.87 -12.88
CA GLU C 171 -28.49 -3.50 -13.39
C GLU C 171 -28.56 -3.38 -14.92
N HIS C 172 -28.36 -2.16 -15.40
CA HIS C 172 -28.55 -1.83 -16.81
C HIS C 172 -27.34 -2.26 -17.64
N GLY C 173 -27.31 -3.53 -18.02
CA GLY C 173 -26.25 -4.07 -18.86
C GLY C 173 -26.45 -3.68 -20.32
N ASP C 174 -27.57 -4.12 -20.89
CA ASP C 174 -27.92 -3.80 -22.27
C ASP C 174 -28.38 -2.34 -22.42
N LYS C 175 -28.22 -1.81 -23.63
CA LYS C 175 -28.46 -0.39 -23.93
C LYS C 175 -27.67 0.55 -23.00
N VAL C 176 -26.38 0.29 -22.89
CA VAL C 176 -25.42 1.15 -22.19
C VAL C 176 -24.15 1.21 -23.05
N CYS C 177 -24.18 2.08 -24.05
CA CYS C 177 -23.12 2.21 -25.06
C CYS C 177 -22.39 0.89 -25.38
N PRO C 178 -23.13 -0.10 -25.93
CA PRO C 178 -22.55 -1.42 -26.21
C PRO C 178 -21.64 -1.41 -27.44
N MET D 12 0.12 4.09 -6.89
CA MET D 12 -0.85 3.60 -5.85
C MET D 12 -1.53 4.73 -5.10
N ASN D 13 -0.82 5.85 -4.93
CA ASN D 13 -1.37 7.00 -4.23
C ASN D 13 -0.69 8.30 -4.64
N LEU D 14 -1.45 9.20 -5.27
CA LEU D 14 -0.88 10.43 -5.81
C LEU D 14 -1.03 11.65 -4.90
N ILE D 15 -1.29 11.43 -3.61
CA ILE D 15 -1.47 12.56 -2.68
C ILE D 15 -0.13 13.24 -2.43
N ASN D 16 -0.13 14.57 -2.46
CA ASN D 16 1.09 15.38 -2.30
C ASN D 16 2.20 14.98 -3.29
N GLN D 17 1.81 14.74 -4.53
CA GLN D 17 2.75 14.50 -5.62
C GLN D 17 2.73 15.71 -6.53
N LYS D 18 3.91 16.19 -6.93
CA LYS D 18 4.00 17.36 -7.79
C LYS D 18 3.75 16.98 -9.25
N LEU D 19 3.20 17.92 -10.02
CA LEU D 19 2.94 17.71 -11.44
C LEU D 19 4.26 17.60 -12.20
N PHE D 20 4.41 16.51 -12.95
CA PHE D 20 5.54 16.32 -13.87
C PHE D 20 5.57 17.40 -14.95
N ASP D 21 6.71 17.52 -15.63
CA ASP D 21 6.89 18.51 -16.67
C ASP D 21 6.32 18.00 -17.98
N PHE D 22 5.48 18.81 -18.63
CA PHE D 22 4.87 18.44 -19.90
C PHE D 22 4.36 19.66 -20.67
N GLU D 23 4.24 19.50 -21.98
CA GLU D 23 3.51 20.43 -22.83
C GLU D 23 2.49 19.63 -23.64
N CYS D 24 1.38 20.26 -24.01
CA CYS D 24 0.38 19.62 -24.85
C CYS D 24 -0.52 20.64 -25.53
N ASP D 25 -1.19 20.17 -26.58
CA ASP D 25 -2.14 21.00 -27.32
C ASP D 25 -3.44 21.12 -26.55
N ALA D 26 -4.17 22.21 -26.80
CA ALA D 26 -5.44 22.45 -26.13
C ALA D 26 -6.33 23.37 -26.96
N TYR D 27 -7.64 23.21 -26.78
CA TYR D 27 -8.64 24.09 -27.39
C TYR D 27 -9.16 25.03 -26.31
N HIS D 28 -9.11 26.33 -26.57
CA HIS D 28 -9.55 27.33 -25.59
C HIS D 28 -10.31 28.47 -26.26
N ASP D 29 -11.64 28.41 -26.14
CA ASP D 29 -12.52 29.53 -26.48
C ASP D 29 -12.39 29.96 -27.96
N GLY D 30 -12.25 28.99 -28.86
CA GLY D 30 -12.24 29.25 -30.30
C GLY D 30 -10.90 29.11 -30.99
N GLU D 31 -9.82 29.00 -30.21
CA GLU D 31 -8.47 28.91 -30.77
C GLU D 31 -7.64 27.81 -30.13
N PHE D 32 -6.57 27.41 -30.80
CA PHE D 32 -5.62 26.44 -30.28
C PHE D 32 -4.49 27.13 -29.52
N THR D 33 -4.09 26.56 -28.39
CA THR D 33 -2.97 27.06 -27.61
C THR D 33 -2.07 25.89 -27.22
N ARG D 34 -0.93 26.22 -26.59
CA ARG D 34 -0.03 25.22 -26.03
C ARG D 34 0.07 25.40 -24.52
N VAL D 35 -0.46 24.43 -23.78
CA VAL D 35 -0.47 24.45 -22.31
C VAL D 35 0.68 23.61 -21.76
N SER D 36 1.39 24.16 -20.77
CA SER D 36 2.49 23.46 -20.11
C SER D 36 2.30 23.42 -18.60
N THR D 37 3.17 22.69 -17.92
CA THR D 37 3.17 22.62 -16.45
C THR D 37 3.38 24.01 -15.83
N GLU D 38 4.19 24.84 -16.48
CA GLU D 38 4.45 26.20 -16.00
C GLU D 38 3.16 27.03 -15.97
N ASP D 39 2.32 26.86 -16.99
CA ASP D 39 1.08 27.63 -17.11
C ASP D 39 0.05 27.26 -16.05
N ILE D 40 0.13 26.05 -15.52
CA ILE D 40 -0.83 25.55 -14.54
C ILE D 40 -0.48 26.00 -13.12
N LEU D 41 0.81 26.05 -12.80
CA LEU D 41 1.27 26.52 -11.49
C LEU D 41 0.94 28.00 -11.29
N GLY D 42 0.70 28.39 -10.03
CA GLY D 42 0.34 29.75 -9.69
C GLY D 42 -1.08 29.86 -9.18
N LYS D 43 -1.98 29.09 -9.79
CA LYS D 43 -3.38 29.03 -9.38
C LYS D 43 -3.74 27.61 -9.00
N TRP D 44 -4.90 27.44 -8.36
CA TRP D 44 -5.46 26.11 -8.12
C TRP D 44 -5.93 25.54 -9.45
N SER D 45 -5.99 24.21 -9.52
CA SER D 45 -6.25 23.55 -10.77
C SER D 45 -7.12 22.32 -10.56
N ILE D 46 -8.11 22.16 -11.44
CA ILE D 46 -8.92 20.95 -11.47
C ILE D 46 -8.71 20.25 -12.81
N PHE D 47 -8.19 19.03 -12.75
CA PHE D 47 -8.03 18.20 -13.95
C PHE D 47 -9.23 17.28 -14.09
N PHE D 48 -10.07 17.57 -15.08
CA PHE D 48 -11.32 16.86 -15.28
C PHE D 48 -11.20 15.89 -16.47
N PHE D 49 -10.78 14.65 -16.18
CA PHE D 49 -10.66 13.61 -17.21
C PHE D 49 -12.02 13.08 -17.63
N TYR D 50 -12.14 12.71 -18.90
CA TYR D 50 -13.36 12.04 -19.41
C TYR D 50 -13.03 11.10 -20.58
N PRO D 51 -13.88 10.10 -20.84
CA PRO D 51 -13.51 9.03 -21.76
C PRO D 51 -13.49 9.36 -23.26
N ALA D 52 -14.43 10.18 -23.75
CA ALA D 52 -14.51 10.40 -25.20
C ALA D 52 -15.28 11.65 -25.63
N ASP D 53 -14.72 12.37 -26.61
CA ASP D 53 -15.46 13.37 -27.36
C ASP D 53 -16.47 12.66 -28.25
N PHE D 54 -17.41 13.43 -28.78
CA PHE D 54 -18.52 12.91 -29.60
C PHE D 54 -19.15 11.63 -29.02
N SER D 55 -19.33 11.63 -27.70
CA SER D 55 -19.91 10.49 -27.01
C SER D 55 -21.42 10.52 -27.12
N PHE D 56 -22.02 9.34 -27.29
CA PHE D 56 -23.48 9.19 -27.27
C PHE D 56 -24.01 9.59 -25.88
N VAL D 57 -23.19 9.36 -24.85
CA VAL D 57 -23.47 9.89 -23.52
C VAL D 57 -23.27 11.40 -23.55
N CYS D 58 -24.38 12.14 -23.52
CA CYS D 58 -24.35 13.61 -23.53
C CYS D 58 -23.37 14.14 -22.47
N PRO D 59 -22.49 15.08 -22.86
CA PRO D 59 -21.48 15.60 -21.93
C PRO D 59 -22.07 16.62 -20.96
N THR D 60 -23.00 16.16 -20.11
CA THR D 60 -23.57 17.00 -19.07
C THR D 60 -22.52 17.33 -18.01
N GLU D 61 -21.62 16.38 -17.77
CA GLU D 61 -20.50 16.58 -16.84
C GLU D 61 -19.69 17.82 -17.18
N LEU D 62 -19.35 17.96 -18.46
CA LEU D 62 -18.56 19.10 -18.94
C LEU D 62 -19.36 20.40 -18.90
N GLY D 63 -20.62 20.32 -19.32
CA GLY D 63 -21.53 21.47 -19.27
C GLY D 63 -21.80 21.91 -17.84
N ASP D 64 -21.90 20.95 -16.93
CA ASP D 64 -22.14 21.24 -15.52
C ASP D 64 -20.95 21.94 -14.88
N MET D 65 -19.74 21.54 -15.27
CA MET D 65 -18.52 22.22 -14.81
C MET D 65 -18.47 23.66 -15.32
N GLN D 66 -19.03 23.90 -16.50
CA GLN D 66 -19.06 25.24 -17.09
C GLN D 66 -19.96 26.18 -16.28
N GLU D 67 -21.11 25.67 -15.84
CA GLU D 67 -22.02 26.45 -14.99
C GLU D 67 -21.32 26.96 -13.73
N HIS D 68 -20.42 26.14 -13.19
CA HIS D 68 -19.66 26.50 -11.98
C HIS D 68 -18.30 27.14 -12.26
N TYR D 69 -18.00 27.38 -13.54
CA TYR D 69 -16.68 27.87 -13.94
C TYR D 69 -16.44 29.30 -13.45
N ALA D 70 -17.44 30.16 -13.63
CA ALA D 70 -17.36 31.53 -13.15
C ALA D 70 -17.05 31.58 -11.65
N HIS D 71 -17.67 30.68 -10.90
CA HIS D 71 -17.42 30.57 -9.47
C HIS D 71 -16.00 30.06 -9.20
N LEU D 72 -15.57 29.05 -9.95
CA LEU D 72 -14.21 28.52 -9.81
C LEU D 72 -13.13 29.54 -10.16
N GLN D 73 -13.42 30.41 -11.12
CA GLN D 73 -12.52 31.52 -11.48
C GLN D 73 -12.34 32.49 -10.30
N GLU D 74 -13.42 32.78 -9.59
CA GLU D 74 -13.38 33.67 -8.43
C GLU D 74 -12.67 33.05 -7.22
N LEU D 75 -12.57 31.71 -7.20
CA LEU D 75 -11.77 31.01 -6.19
C LEU D 75 -10.32 30.79 -6.65
N ASN D 76 -9.90 31.52 -7.69
CA ASN D 76 -8.55 31.44 -8.25
C ASN D 76 -8.18 30.03 -8.68
N CYS D 77 -9.12 29.35 -9.35
CA CYS D 77 -8.89 28.00 -9.83
C CYS D 77 -9.24 27.87 -11.31
N GLU D 78 -8.36 27.25 -12.07
CA GLU D 78 -8.60 26.96 -13.48
C GLU D 78 -9.10 25.53 -13.64
N VAL D 79 -9.94 25.31 -14.65
CA VAL D 79 -10.44 23.98 -14.98
C VAL D 79 -9.73 23.47 -16.23
N TYR D 80 -9.29 22.22 -16.19
CA TYR D 80 -8.62 21.60 -17.32
C TYR D 80 -9.28 20.27 -17.66
N SER D 81 -10.14 20.28 -18.68
CA SER D 81 -10.74 19.04 -19.15
C SER D 81 -9.68 18.27 -19.94
N VAL D 82 -9.66 16.95 -19.75
CA VAL D 82 -8.65 16.10 -20.35
C VAL D 82 -9.29 14.90 -21.02
N SER D 83 -8.80 14.58 -22.21
CA SER D 83 -9.34 13.48 -23.01
C SER D 83 -8.27 12.98 -23.98
N GLU D 84 -8.38 11.71 -24.37
CA GLU D 84 -7.41 11.09 -25.28
C GLU D 84 -7.62 11.50 -26.73
N ASP D 85 -8.68 12.25 -27.00
CA ASP D 85 -8.93 12.80 -28.33
C ASP D 85 -7.92 13.90 -28.65
N SER D 86 -7.80 14.25 -29.93
CA SER D 86 -6.91 15.32 -30.37
C SER D 86 -7.56 16.69 -30.15
N HIS D 87 -6.79 17.74 -30.37
CA HIS D 87 -7.30 19.11 -30.30
C HIS D 87 -8.18 19.46 -31.51
N TYR D 88 -7.91 18.81 -32.65
CA TYR D 88 -8.78 18.93 -33.82
C TYR D 88 -10.20 18.51 -33.47
N VAL D 89 -10.31 17.40 -32.74
CA VAL D 89 -11.58 16.83 -32.35
C VAL D 89 -12.30 17.73 -31.33
N HIS D 90 -11.54 18.31 -30.41
CA HIS D 90 -12.10 19.25 -29.43
C HIS D 90 -12.85 20.41 -30.10
N LYS D 91 -12.24 21.01 -31.12
CA LYS D 91 -12.86 22.10 -31.87
C LYS D 91 -14.10 21.65 -32.62
N ALA D 92 -14.03 20.50 -33.29
CA ALA D 92 -15.17 19.96 -34.04
C ALA D 92 -16.33 19.62 -33.12
N TRP D 93 -16.02 19.14 -31.92
CA TRP D 93 -17.03 18.77 -30.93
C TRP D 93 -17.74 20.01 -30.38
N ALA D 94 -17.00 21.11 -30.26
CA ALA D 94 -17.56 22.39 -29.87
C ALA D 94 -18.50 22.96 -30.93
N ASP D 95 -18.13 22.80 -32.20
CA ASP D 95 -18.93 23.27 -33.33
C ASP D 95 -20.18 22.43 -33.58
N ALA D 96 -20.21 21.21 -33.04
CA ALA D 96 -21.31 20.28 -33.27
C ALA D 96 -22.43 20.40 -32.24
N THR D 97 -22.08 20.68 -30.98
CA THR D 97 -23.05 20.72 -29.88
C THR D 97 -22.86 21.95 -28.98
N GLU D 98 -23.98 22.55 -28.59
CA GLU D 98 -23.97 23.80 -27.80
C GLU D 98 -23.30 23.67 -26.44
N THR D 99 -23.54 22.54 -25.77
CA THR D 99 -22.95 22.27 -24.45
C THR D 99 -21.43 22.45 -24.47
N ILE D 100 -20.78 21.92 -25.50
CA ILE D 100 -19.33 22.01 -25.65
C ILE D 100 -18.93 23.38 -26.24
N GLY D 101 -19.82 23.95 -27.06
CA GLY D 101 -19.62 25.29 -27.60
C GLY D 101 -19.65 26.41 -26.57
N LYS D 102 -20.31 26.16 -25.43
CA LYS D 102 -20.35 27.13 -24.34
C LYS D 102 -19.19 26.99 -23.35
N ILE D 103 -18.30 26.02 -23.58
CA ILE D 103 -17.16 25.79 -22.68
C ILE D 103 -16.12 26.90 -22.85
N LYS D 104 -15.72 27.50 -21.73
CA LYS D 104 -14.78 28.62 -21.73
C LYS D 104 -13.42 28.26 -21.13
N TYR D 105 -13.35 27.17 -20.36
CA TYR D 105 -12.08 26.67 -19.84
C TYR D 105 -11.30 25.90 -20.92
N PRO D 106 -9.97 25.79 -20.76
CA PRO D 106 -9.16 25.04 -21.74
C PRO D 106 -9.50 23.54 -21.77
N MET D 107 -9.48 22.97 -22.97
CA MET D 107 -9.73 21.55 -23.16
C MET D 107 -8.45 20.86 -23.63
N LEU D 108 -7.73 20.25 -22.69
CA LEU D 108 -6.44 19.65 -22.98
C LEU D 108 -6.58 18.35 -23.78
N ALA D 109 -5.77 18.22 -24.83
CA ALA D 109 -5.73 17.00 -25.64
C ALA D 109 -4.56 16.14 -25.20
N ASP D 110 -4.80 14.85 -25.02
CA ASP D 110 -3.79 13.92 -24.54
C ASP D 110 -3.75 12.66 -25.41
N PRO D 111 -3.53 12.83 -26.74
CA PRO D 111 -3.44 11.67 -27.62
C PRO D 111 -2.25 10.75 -27.32
N ASN D 112 -1.13 11.31 -26.85
CA ASN D 112 0.02 10.50 -26.44
C ASN D 112 -0.14 9.86 -25.06
N GLY D 113 -1.17 10.23 -24.32
CA GLY D 113 -1.51 9.58 -23.07
C GLY D 113 -0.64 9.95 -21.89
N GLN D 114 0.19 10.97 -22.04
CA GLN D 114 1.16 11.34 -20.99
C GLN D 114 0.47 11.75 -19.69
N LEU D 115 -0.62 12.52 -19.80
CA LEU D 115 -1.38 12.95 -18.61
C LEU D 115 -2.10 11.76 -17.98
N ALA D 116 -2.89 11.06 -18.79
CA ALA D 116 -3.66 9.92 -18.30
C ALA D 116 -2.75 8.87 -17.64
N ARG D 117 -1.60 8.62 -18.25
CA ARG D 117 -0.63 7.67 -17.68
C ARG D 117 -0.04 8.20 -16.38
N PHE D 118 0.30 9.48 -16.34
CA PHE D 118 0.86 10.09 -15.12
C PHE D 118 -0.14 10.02 -13.97
N PHE D 119 -1.37 10.45 -14.22
CA PHE D 119 -2.43 10.42 -13.22
C PHE D 119 -2.94 9.00 -12.93
N GLY D 120 -2.58 8.05 -13.78
CA GLY D 120 -2.91 6.64 -13.56
C GLY D 120 -4.35 6.33 -13.88
N VAL D 121 -4.89 7.05 -14.87
CA VAL D 121 -6.33 7.07 -15.14
C VAL D 121 -6.68 6.43 -16.49
N LEU D 122 -5.67 5.98 -17.24
CA LEU D 122 -5.90 5.40 -18.56
C LEU D 122 -6.39 3.97 -18.44
N ASP D 123 -7.36 3.61 -19.29
CA ASP D 123 -7.76 2.22 -19.48
C ASP D 123 -7.03 1.69 -20.70
N GLU D 124 -5.96 0.93 -20.47
CA GLU D 124 -5.07 0.49 -21.55
C GLU D 124 -5.80 -0.25 -22.67
N ALA D 125 -6.83 -1.03 -22.32
CA ALA D 125 -7.59 -1.80 -23.30
C ALA D 125 -8.32 -0.90 -24.28
N SER D 126 -9.17 -0.02 -23.75
CA SER D 126 -9.97 0.89 -24.57
C SER D 126 -9.16 2.08 -25.09
N GLY D 127 -8.10 2.45 -24.38
CA GLY D 127 -7.30 3.63 -24.72
C GLY D 127 -7.98 4.94 -24.34
N MET D 128 -8.81 4.90 -23.30
CA MET D 128 -9.57 6.08 -22.86
C MET D 128 -9.43 6.29 -21.37
N ALA D 129 -9.54 7.55 -20.96
CA ALA D 129 -9.46 7.93 -19.55
C ALA D 129 -10.74 7.58 -18.83
N TYR D 130 -10.61 7.19 -17.56
CA TYR D 130 -11.77 7.03 -16.70
C TYR D 130 -12.31 8.39 -16.30
N ARG D 131 -13.54 8.42 -15.79
CA ARG D 131 -14.14 9.66 -15.33
C ARG D 131 -13.50 10.05 -13.99
N ALA D 132 -12.38 10.76 -14.08
CA ALA D 132 -11.59 11.12 -12.91
C ALA D 132 -11.42 12.63 -12.79
N SER D 133 -11.27 13.09 -11.55
CA SER D 133 -11.12 14.51 -11.25
C SER D 133 -10.01 14.68 -10.22
N PHE D 134 -9.04 15.54 -10.52
CA PHE D 134 -7.93 15.80 -9.61
C PHE D 134 -7.86 17.27 -9.24
N ILE D 135 -7.78 17.54 -7.95
CA ILE D 135 -7.60 18.89 -7.44
C ILE D 135 -6.13 19.08 -7.12
N VAL D 136 -5.56 20.18 -7.61
CA VAL D 136 -4.12 20.44 -7.48
C VAL D 136 -3.88 21.87 -6.99
N SER D 137 -2.89 22.02 -6.11
CA SER D 137 -2.56 23.31 -5.50
C SER D 137 -1.72 24.17 -6.43
N PRO D 138 -1.60 25.48 -6.14
CA PRO D 138 -0.72 26.38 -6.90
C PRO D 138 0.74 25.92 -6.95
N GLU D 139 1.18 25.23 -5.89
CA GLU D 139 2.52 24.65 -5.86
C GLU D 139 2.63 23.42 -6.76
N GLY D 140 1.50 22.83 -7.12
CA GLY D 140 1.46 21.68 -8.02
C GLY D 140 1.19 20.35 -7.32
N ASP D 141 0.90 20.41 -6.01
CA ASP D 141 0.66 19.20 -5.22
C ASP D 141 -0.77 18.71 -5.39
N ILE D 142 -0.92 17.44 -5.72
CA ILE D 142 -2.24 16.80 -5.85
C ILE D 142 -2.85 16.65 -4.45
N LYS D 143 -4.00 17.28 -4.25
CA LYS D 143 -4.61 17.40 -2.92
C LYS D 143 -5.76 16.42 -2.69
N SER D 144 -6.60 16.23 -3.70
CA SER D 144 -7.62 15.19 -3.63
C SER D 144 -8.10 14.81 -5.01
N TYR D 145 -8.64 13.61 -5.12
CA TYR D 145 -9.14 13.15 -6.40
C TYR D 145 -10.17 12.03 -6.28
N GLU D 146 -10.85 11.78 -7.39
CA GLU D 146 -11.81 10.68 -7.50
C GLU D 146 -11.63 9.98 -8.83
N ILE D 147 -11.94 8.70 -8.86
CA ILE D 147 -11.89 7.92 -10.09
C ILE D 147 -13.14 7.06 -10.16
N ASN D 148 -13.90 7.25 -11.23
CA ASN D 148 -15.15 6.53 -11.46
C ASN D 148 -15.07 5.70 -12.73
N ASP D 149 -15.68 4.53 -12.69
CA ASP D 149 -15.77 3.66 -13.87
C ASP D 149 -16.57 4.35 -14.97
N MET D 150 -16.45 3.85 -16.20
CA MET D 150 -17.27 4.36 -17.30
C MET D 150 -18.75 4.17 -16.95
N GLY D 151 -19.56 5.18 -17.24
CA GLY D 151 -20.99 5.13 -16.95
C GLY D 151 -21.40 5.67 -15.59
N ILE D 152 -20.44 5.83 -14.67
CA ILE D 152 -20.71 6.43 -13.36
C ILE D 152 -20.40 7.93 -13.43
N GLY D 153 -21.46 8.74 -13.48
CA GLY D 153 -21.32 10.20 -13.63
C GLY D 153 -20.76 10.90 -12.40
N ARG D 154 -20.46 12.18 -12.55
CA ARG D 154 -19.88 13.00 -11.48
C ARG D 154 -20.80 14.16 -11.11
N ASN D 155 -20.43 14.85 -10.03
CA ASN D 155 -21.21 15.96 -9.50
C ASN D 155 -20.33 17.20 -9.36
N ALA D 156 -20.47 18.13 -10.31
CA ALA D 156 -19.64 19.34 -10.36
C ALA D 156 -19.65 20.12 -9.05
N GLU D 157 -20.82 20.21 -8.41
CA GLU D 157 -20.95 20.88 -7.12
C GLU D 157 -20.00 20.27 -6.09
N GLU D 158 -19.90 18.95 -6.08
CA GLU D 158 -19.10 18.26 -5.08
C GLU D 158 -17.60 18.52 -5.27
N LEU D 159 -17.17 18.72 -6.52
CA LEU D 159 -15.78 19.09 -6.79
C LEU D 159 -15.46 20.48 -6.26
N VAL D 160 -16.41 21.40 -6.38
CA VAL D 160 -16.25 22.76 -5.86
C VAL D 160 -16.12 22.72 -4.34
N ARG D 161 -16.95 21.89 -3.69
CA ARG D 161 -16.90 21.69 -2.26
C ARG D 161 -15.53 21.20 -1.80
N LYS D 162 -14.97 20.23 -2.55
CA LYS D 162 -13.65 19.69 -2.25
C LYS D 162 -12.56 20.76 -2.36
N LEU D 163 -12.66 21.60 -3.38
CA LEU D 163 -11.69 22.66 -3.60
C LEU D 163 -11.76 23.72 -2.51
N GLU D 164 -12.97 24.12 -2.15
CA GLU D 164 -13.17 25.06 -1.05
C GLU D 164 -12.60 24.49 0.26
N ALA D 165 -12.90 23.21 0.52
CA ALA D 165 -12.36 22.51 1.68
C ALA D 165 -10.83 22.51 1.67
N SER D 166 -10.26 22.20 0.51
CA SER D 166 -8.80 22.19 0.34
C SER D 166 -8.21 23.59 0.53
N GLN D 167 -8.89 24.61 0.02
CA GLN D 167 -8.43 25.99 0.11
C GLN D 167 -8.49 26.55 1.53
N PHE D 168 -9.59 26.28 2.24
CA PHE D 168 -9.74 26.75 3.62
C PHE D 168 -8.81 26.01 4.57
N VAL D 169 -8.44 24.77 4.23
CA VAL D 169 -7.39 24.06 4.95
C VAL D 169 -6.03 24.67 4.62
N ALA D 170 -5.82 25.04 3.36
CA ALA D 170 -4.60 25.72 2.94
C ALA D 170 -4.44 27.10 3.58
N GLU D 171 -5.56 27.81 3.73
CA GLU D 171 -5.56 29.14 4.36
C GLU D 171 -5.23 29.09 5.85
N HIS D 172 -5.78 28.09 6.54
CA HIS D 172 -5.60 27.95 7.99
C HIS D 172 -5.07 26.56 8.31
N GLY D 173 -3.97 26.18 7.65
CA GLY D 173 -3.41 24.84 7.75
C GLY D 173 -2.59 24.59 9.00
N ASP D 174 -2.74 23.39 9.55
CA ASP D 174 -2.04 22.96 10.76
C ASP D 174 -2.33 23.87 11.97
N LYS D 175 -3.58 24.32 12.09
CA LYS D 175 -4.00 25.15 13.21
C LYS D 175 -5.52 25.04 13.44
N VAL D 176 -6.02 23.81 13.48
CA VAL D 176 -7.42 23.53 13.76
C VAL D 176 -7.51 22.97 15.19
N CYS D 177 -8.22 23.68 16.06
CA CYS D 177 -8.39 23.30 17.47
C CYS D 177 -7.05 23.22 18.23
N PRO D 178 -6.52 24.39 18.65
CA PRO D 178 -5.30 24.44 19.48
C PRO D 178 -5.46 23.71 20.81
N MET E 12 14.59 -4.99 -38.79
CA MET E 12 13.27 -4.36 -38.48
C MET E 12 12.52 -3.96 -39.74
N ASN E 13 12.52 -4.84 -40.74
CA ASN E 13 11.87 -4.56 -42.03
C ASN E 13 10.39 -4.96 -42.05
N LEU E 14 10.00 -5.88 -41.17
CA LEU E 14 8.58 -6.22 -41.01
C LEU E 14 7.91 -6.97 -42.17
N ILE E 15 8.64 -7.22 -43.25
CA ILE E 15 8.10 -7.97 -44.40
C ILE E 15 8.03 -9.46 -44.09
N ASN E 16 7.00 -10.12 -44.64
CA ASN E 16 6.69 -11.52 -44.38
C ASN E 16 6.49 -11.87 -42.90
N GLN E 17 6.14 -10.85 -42.11
CA GLN E 17 5.73 -11.04 -40.73
C GLN E 17 4.21 -11.15 -40.75
N LYS E 18 3.67 -12.11 -40.01
CA LYS E 18 2.21 -12.30 -39.99
C LYS E 18 1.53 -11.27 -39.09
N LEU E 19 0.36 -10.84 -39.53
CA LEU E 19 -0.47 -9.94 -38.75
C LEU E 19 -0.82 -10.60 -37.43
N PHE E 20 -0.62 -9.86 -36.33
CA PHE E 20 -0.93 -10.37 -34.99
C PHE E 20 -2.44 -10.44 -34.76
N ASP E 21 -2.83 -11.15 -33.70
CA ASP E 21 -4.24 -11.36 -33.38
C ASP E 21 -4.78 -10.18 -32.57
N PHE E 22 -5.86 -9.58 -33.06
CA PHE E 22 -6.44 -8.42 -32.39
C PHE E 22 -7.93 -8.26 -32.72
N GLU E 23 -8.59 -7.44 -31.91
CA GLU E 23 -9.94 -6.98 -32.19
C GLU E 23 -9.98 -5.48 -31.92
N CYS E 24 -10.82 -4.77 -32.65
CA CYS E 24 -10.94 -3.33 -32.45
C CYS E 24 -12.29 -2.84 -32.96
N ASP E 25 -12.63 -1.62 -32.57
CA ASP E 25 -13.85 -0.96 -33.05
C ASP E 25 -13.59 -0.29 -34.38
N ALA E 26 -14.65 -0.12 -35.15
CA ALA E 26 -14.56 0.54 -36.45
C ALA E 26 -15.90 1.16 -36.83
N TYR E 27 -15.84 2.17 -37.69
CA TYR E 27 -17.03 2.76 -38.29
C TYR E 27 -17.04 2.33 -39.74
N HIS E 28 -18.09 1.65 -40.15
CA HIS E 28 -18.16 1.06 -41.48
C HIS E 28 -19.52 1.35 -42.13
N ASP E 29 -19.51 2.32 -43.04
CA ASP E 29 -20.69 2.67 -43.84
C ASP E 29 -21.92 2.98 -42.98
N GLY E 30 -21.79 4.00 -42.14
CA GLY E 30 -22.89 4.46 -41.30
C GLY E 30 -23.25 3.55 -40.14
N GLU E 31 -22.33 2.67 -39.75
CA GLU E 31 -22.59 1.71 -38.67
C GLU E 31 -21.29 1.28 -37.98
N PHE E 32 -21.38 1.05 -36.67
CA PHE E 32 -20.23 0.55 -35.92
C PHE E 32 -20.11 -0.96 -36.06
N THR E 33 -18.87 -1.45 -36.14
CA THR E 33 -18.60 -2.87 -36.25
C THR E 33 -17.37 -3.25 -35.42
N ARG E 34 -17.26 -4.53 -35.07
CA ARG E 34 -16.07 -5.06 -34.42
C ARG E 34 -15.28 -5.87 -35.44
N VAL E 35 -14.15 -5.33 -35.87
CA VAL E 35 -13.26 -6.03 -36.80
C VAL E 35 -12.18 -6.77 -36.02
N SER E 36 -11.95 -8.03 -36.37
CA SER E 36 -10.85 -8.80 -35.80
C SER E 36 -9.93 -9.32 -36.90
N THR E 37 -8.84 -9.94 -36.49
CA THR E 37 -7.85 -10.52 -37.41
C THR E 37 -8.47 -11.55 -38.35
N GLU E 38 -9.42 -12.33 -37.84
CA GLU E 38 -10.03 -13.42 -38.60
C GLU E 38 -10.90 -12.91 -39.75
N ASP E 39 -11.49 -11.73 -39.57
CA ASP E 39 -12.30 -11.07 -40.60
C ASP E 39 -11.43 -10.57 -41.76
N ILE E 40 -10.22 -10.14 -41.43
CA ILE E 40 -9.30 -9.58 -42.41
C ILE E 40 -8.63 -10.70 -43.21
N LEU E 41 -8.30 -11.79 -42.51
CA LEU E 41 -7.70 -12.96 -43.13
C LEU E 41 -8.64 -13.60 -44.15
N GLY E 42 -8.05 -14.19 -45.18
CA GLY E 42 -8.81 -14.83 -46.27
C GLY E 42 -8.89 -13.99 -47.54
N LYS E 43 -8.31 -12.79 -47.51
CA LYS E 43 -8.37 -11.88 -48.64
C LYS E 43 -7.30 -10.80 -48.49
N TRP E 44 -6.84 -10.26 -49.62
CA TRP E 44 -5.87 -9.16 -49.61
C TRP E 44 -6.41 -7.96 -48.85
N SER E 45 -5.52 -7.23 -48.22
CA SER E 45 -5.91 -6.07 -47.43
C SER E 45 -4.84 -5.00 -47.46
N ILE E 46 -5.29 -3.75 -47.42
CA ILE E 46 -4.41 -2.60 -47.32
C ILE E 46 -4.75 -1.85 -46.04
N PHE E 47 -3.78 -1.76 -45.13
CA PHE E 47 -3.92 -0.92 -43.93
C PHE E 47 -3.43 0.48 -44.27
N PHE E 48 -4.35 1.44 -44.27
CA PHE E 48 -4.03 2.82 -44.67
C PHE E 48 -4.03 3.73 -43.44
N PHE E 49 -2.86 3.85 -42.82
CA PHE E 49 -2.70 4.69 -41.63
C PHE E 49 -2.70 6.18 -42.00
N TYR E 50 -3.28 7.01 -41.12
CA TYR E 50 -3.24 8.47 -41.28
C TYR E 50 -3.28 9.14 -39.88
N PRO E 51 -2.68 10.34 -39.76
CA PRO E 51 -2.40 10.93 -38.45
C PRO E 51 -3.59 11.37 -37.59
N ALA E 52 -4.56 12.07 -38.15
CA ALA E 52 -5.65 12.63 -37.34
C ALA E 52 -6.89 13.00 -38.13
N ASP E 53 -8.06 12.70 -37.56
CA ASP E 53 -9.34 13.12 -38.10
C ASP E 53 -9.50 14.63 -37.93
N PHE E 54 -10.37 15.21 -38.74
CA PHE E 54 -10.60 16.65 -38.79
C PHE E 54 -9.31 17.44 -39.10
N SER E 55 -8.53 16.92 -40.04
CA SER E 55 -7.32 17.61 -40.52
C SER E 55 -7.49 17.88 -42.02
N PHE E 56 -6.49 18.53 -42.62
CA PHE E 56 -6.62 19.04 -43.99
C PHE E 56 -6.16 18.07 -45.07
N VAL E 57 -5.03 17.40 -44.85
CA VAL E 57 -4.45 16.50 -45.86
C VAL E 57 -5.09 15.11 -45.84
N CYS E 58 -5.44 14.63 -44.65
CA CYS E 58 -6.02 13.29 -44.47
C CYS E 58 -7.23 12.97 -45.35
N PRO E 59 -8.21 13.89 -45.44
CA PRO E 59 -9.42 13.59 -46.24
C PRO E 59 -9.14 13.39 -47.74
N THR E 60 -8.21 14.17 -48.30
CA THR E 60 -7.81 14.01 -49.70
C THR E 60 -7.36 12.57 -49.94
N GLU E 61 -6.45 12.10 -49.09
CA GLU E 61 -5.88 10.76 -49.21
C GLU E 61 -6.93 9.67 -49.09
N LEU E 62 -7.80 9.81 -48.08
CA LEU E 62 -8.85 8.83 -47.84
C LEU E 62 -9.87 8.84 -48.98
N GLY E 63 -10.15 10.03 -49.50
CA GLY E 63 -11.04 10.18 -50.65
C GLY E 63 -10.48 9.57 -51.92
N ASP E 64 -9.18 9.74 -52.11
CA ASP E 64 -8.49 9.17 -53.26
C ASP E 64 -8.50 7.65 -53.22
N MET E 65 -8.53 7.09 -52.01
CA MET E 65 -8.66 5.63 -51.83
C MET E 65 -10.07 5.14 -52.16
N GLN E 66 -11.08 5.94 -51.80
CA GLN E 66 -12.47 5.58 -52.10
C GLN E 66 -12.74 5.57 -53.60
N GLU E 67 -12.07 6.45 -54.35
CA GLU E 67 -12.18 6.47 -55.81
C GLU E 67 -11.64 5.18 -56.45
N HIS E 68 -10.70 4.53 -55.78
CA HIS E 68 -10.12 3.27 -56.26
C HIS E 68 -10.65 2.04 -55.50
N TYR E 69 -11.64 2.23 -54.63
CA TYR E 69 -12.11 1.15 -53.77
C TYR E 69 -12.84 0.07 -54.58
N ALA E 70 -13.67 0.47 -55.53
CA ALA E 70 -14.40 -0.49 -56.36
C ALA E 70 -13.45 -1.39 -57.15
N HIS E 71 -12.34 -0.81 -57.64
CA HIS E 71 -11.32 -1.59 -58.32
C HIS E 71 -10.63 -2.55 -57.36
N LEU E 72 -10.27 -2.04 -56.19
CA LEU E 72 -9.65 -2.85 -55.14
C LEU E 72 -10.56 -4.01 -54.73
N GLN E 73 -11.86 -3.73 -54.63
CA GLN E 73 -12.85 -4.77 -54.36
C GLN E 73 -12.92 -5.80 -55.49
N GLU E 74 -12.87 -5.34 -56.75
CA GLU E 74 -12.81 -6.25 -57.90
C GLU E 74 -11.56 -7.12 -57.85
N LEU E 75 -10.45 -6.54 -57.39
CA LEU E 75 -9.19 -7.27 -57.21
C LEU E 75 -9.14 -8.07 -55.90
N ASN E 76 -10.30 -8.27 -55.26
CA ASN E 76 -10.40 -9.06 -54.04
C ASN E 76 -9.56 -8.49 -52.89
N CYS E 77 -9.61 -7.17 -52.73
CA CYS E 77 -8.84 -6.48 -51.69
C CYS E 77 -9.70 -5.50 -50.90
N GLU E 78 -9.58 -5.54 -49.59
CA GLU E 78 -10.32 -4.66 -48.70
C GLU E 78 -9.39 -3.58 -48.16
N VAL E 79 -9.93 -2.39 -47.94
CA VAL E 79 -9.18 -1.27 -47.38
C VAL E 79 -9.57 -1.10 -45.93
N TYR E 80 -8.58 -0.83 -45.07
CA TYR E 80 -8.84 -0.49 -43.67
C TYR E 80 -8.06 0.78 -43.34
N SER E 81 -8.76 1.91 -43.27
CA SER E 81 -8.13 3.15 -42.82
C SER E 81 -7.99 3.08 -41.30
N VAL E 82 -6.89 3.62 -40.79
CA VAL E 82 -6.55 3.50 -39.37
C VAL E 82 -5.96 4.79 -38.82
N SER E 83 -6.50 5.24 -37.70
CA SER E 83 -5.92 6.36 -36.95
C SER E 83 -6.12 6.13 -35.46
N GLU E 84 -5.53 7.01 -34.65
CA GLU E 84 -5.63 6.88 -33.20
C GLU E 84 -6.93 7.48 -32.66
N ASP E 85 -7.75 8.03 -33.56
CA ASP E 85 -9.07 8.55 -33.20
C ASP E 85 -10.02 7.40 -32.92
N SER E 86 -10.99 7.64 -32.05
CA SER E 86 -11.99 6.63 -31.69
C SER E 86 -13.01 6.44 -32.82
N HIS E 87 -13.81 5.39 -32.71
CA HIS E 87 -14.88 5.13 -33.69
C HIS E 87 -15.98 6.18 -33.61
N TYR E 88 -16.18 6.77 -32.44
CA TYR E 88 -17.11 7.89 -32.27
C TYR E 88 -16.70 9.06 -33.15
N VAL E 89 -15.40 9.34 -33.21
CA VAL E 89 -14.87 10.44 -34.03
C VAL E 89 -15.00 10.14 -35.52
N HIS E 90 -14.82 8.88 -35.91
CA HIS E 90 -14.97 8.48 -37.32
C HIS E 90 -16.39 8.75 -37.83
N LYS E 91 -17.38 8.41 -37.01
CA LYS E 91 -18.78 8.68 -37.35
C LYS E 91 -19.03 10.18 -37.49
N ALA E 92 -18.51 10.96 -36.56
CA ALA E 92 -18.70 12.41 -36.56
C ALA E 92 -18.05 13.05 -37.77
N TRP E 93 -16.85 12.57 -38.12
CA TRP E 93 -16.11 13.09 -39.27
C TRP E 93 -16.79 12.71 -40.59
N ALA E 94 -17.48 11.56 -40.60
CA ALA E 94 -18.19 11.08 -41.79
C ALA E 94 -19.41 11.94 -42.14
N ASP E 95 -20.27 12.20 -41.17
CA ASP E 95 -21.47 13.00 -41.41
C ASP E 95 -21.24 14.51 -41.22
N ALA E 96 -19.99 14.91 -40.97
CA ALA E 96 -19.61 16.33 -40.97
C ALA E 96 -18.93 16.73 -42.28
N THR E 97 -18.15 15.82 -42.87
CA THR E 97 -17.45 16.08 -44.14
C THR E 97 -18.06 15.24 -45.25
N GLU E 98 -18.18 15.82 -46.44
CA GLU E 98 -18.77 15.12 -47.58
C GLU E 98 -17.84 14.02 -48.09
N THR E 99 -16.55 14.33 -48.20
CA THR E 99 -15.54 13.38 -48.66
C THR E 99 -15.49 12.12 -47.79
N ILE E 100 -15.62 12.30 -46.47
CA ILE E 100 -15.53 11.19 -45.53
C ILE E 100 -16.86 10.42 -45.47
N GLY E 101 -17.96 11.12 -45.68
CA GLY E 101 -19.28 10.48 -45.74
C GLY E 101 -19.45 9.54 -46.92
N LYS E 102 -18.73 9.82 -48.01
CA LYS E 102 -18.80 9.01 -49.21
C LYS E 102 -18.01 7.70 -49.12
N ILE E 103 -17.14 7.56 -48.11
CA ILE E 103 -16.27 6.37 -48.03
C ILE E 103 -17.09 5.13 -47.67
N LYS E 104 -16.72 3.99 -48.26
CA LYS E 104 -17.46 2.75 -48.12
C LYS E 104 -16.66 1.67 -47.37
N TYR E 105 -15.35 1.84 -47.28
CA TYR E 105 -14.49 0.85 -46.60
C TYR E 105 -14.51 1.05 -45.09
N PRO E 106 -14.09 0.01 -44.32
CA PRO E 106 -14.05 0.15 -42.87
C PRO E 106 -13.01 1.16 -42.36
N MET E 107 -13.42 2.00 -41.42
CA MET E 107 -12.52 2.94 -40.77
C MET E 107 -12.23 2.45 -39.36
N LEU E 108 -11.09 1.76 -39.19
CA LEU E 108 -10.71 1.20 -37.90
C LEU E 108 -10.25 2.30 -36.95
N ALA E 109 -10.61 2.16 -35.68
CA ALA E 109 -10.15 3.07 -34.63
C ALA E 109 -9.02 2.41 -33.83
N ASP E 110 -8.04 3.20 -33.42
CA ASP E 110 -6.88 2.67 -32.69
C ASP E 110 -6.46 3.58 -31.52
N PRO E 111 -7.42 3.95 -30.65
CA PRO E 111 -7.11 4.81 -29.50
C PRO E 111 -6.11 4.19 -28.51
N ASN E 112 -6.13 2.86 -28.38
CA ASN E 112 -5.15 2.15 -27.53
C ASN E 112 -3.81 1.93 -28.23
N GLY E 113 -3.77 2.22 -29.53
CA GLY E 113 -2.52 2.23 -30.28
C GLY E 113 -1.91 0.87 -30.58
N GLN E 114 -2.71 -0.19 -30.51
CA GLN E 114 -2.20 -1.55 -30.73
C GLN E 114 -1.76 -1.77 -32.18
N LEU E 115 -2.55 -1.29 -33.13
CA LEU E 115 -2.22 -1.40 -34.55
C LEU E 115 -1.00 -0.52 -34.91
N ALA E 116 -1.00 0.72 -34.44
CA ALA E 116 0.10 1.63 -34.72
C ALA E 116 1.43 1.12 -34.16
N ARG E 117 1.39 0.57 -32.95
CA ARG E 117 2.59 0.03 -32.30
C ARG E 117 3.09 -1.23 -32.99
N PHE E 118 2.17 -2.12 -33.35
CA PHE E 118 2.53 -3.37 -34.04
C PHE E 118 3.13 -3.10 -35.42
N PHE E 119 2.53 -2.18 -36.16
CA PHE E 119 3.08 -1.76 -37.44
C PHE E 119 4.28 -0.83 -37.28
N GLY E 120 4.53 -0.36 -36.06
CA GLY E 120 5.68 0.48 -35.76
C GLY E 120 5.56 1.83 -36.43
N VAL E 121 4.35 2.38 -36.44
CA VAL E 121 4.01 3.58 -37.22
C VAL E 121 3.54 4.73 -36.32
N LEU E 122 3.63 4.55 -35.00
CA LEU E 122 3.18 5.55 -34.05
C LEU E 122 4.27 6.58 -33.74
N ASP E 123 3.90 7.85 -33.79
CA ASP E 123 4.77 8.93 -33.32
C ASP E 123 4.44 9.17 -31.84
N GLU E 124 5.36 8.78 -30.97
CA GLU E 124 5.09 8.83 -29.52
C GLU E 124 4.81 10.25 -29.03
N ALA E 125 5.48 11.24 -29.61
CA ALA E 125 5.29 12.64 -29.24
C ALA E 125 3.85 13.09 -29.48
N SER E 126 3.36 12.89 -30.70
CA SER E 126 2.00 13.26 -31.08
C SER E 126 0.95 12.31 -30.55
N GLY E 127 1.29 11.02 -30.50
CA GLY E 127 0.28 9.97 -30.32
C GLY E 127 -0.57 9.87 -31.57
N MET E 128 0.06 10.06 -32.73
CA MET E 128 -0.60 10.01 -34.02
C MET E 128 0.18 9.10 -34.96
N ALA E 129 -0.52 8.36 -35.82
CA ALA E 129 0.11 7.48 -36.78
C ALA E 129 0.69 8.29 -37.93
N TYR E 130 1.81 7.83 -38.49
CA TYR E 130 2.34 8.43 -39.71
C TYR E 130 1.48 8.03 -40.90
N ARG E 131 1.72 8.68 -42.03
CA ARG E 131 1.03 8.34 -43.27
C ARG E 131 1.68 7.10 -43.86
N ALA E 132 1.23 5.94 -43.38
CA ALA E 132 1.80 4.65 -43.76
C ALA E 132 0.76 3.77 -44.43
N SER E 133 1.17 3.06 -45.48
CA SER E 133 0.32 2.11 -46.18
C SER E 133 0.98 0.74 -46.18
N PHE E 134 0.27 -0.30 -45.75
CA PHE E 134 0.77 -1.68 -45.73
C PHE E 134 -0.11 -2.59 -46.56
N ILE E 135 0.49 -3.29 -47.53
CA ILE E 135 -0.20 -4.35 -48.26
C ILE E 135 -0.01 -5.66 -47.51
N VAL E 136 -1.08 -6.43 -47.36
CA VAL E 136 -1.04 -7.70 -46.63
C VAL E 136 -1.77 -8.78 -47.41
N SER E 137 -1.14 -9.95 -47.52
CA SER E 137 -1.72 -11.07 -48.28
C SER E 137 -2.87 -11.72 -47.50
N PRO E 138 -3.68 -12.57 -48.17
CA PRO E 138 -4.73 -13.32 -47.50
C PRO E 138 -4.26 -14.20 -46.34
N GLU E 139 -2.98 -14.59 -46.37
CA GLU E 139 -2.40 -15.44 -45.32
C GLU E 139 -1.92 -14.64 -44.12
N GLY E 140 -2.00 -13.31 -44.22
CA GLY E 140 -1.59 -12.41 -43.14
C GLY E 140 -0.21 -11.81 -43.31
N ASP E 141 0.50 -12.21 -44.37
CA ASP E 141 1.89 -11.80 -44.57
C ASP E 141 2.00 -10.38 -45.12
N ILE E 142 2.75 -9.54 -44.39
CA ILE E 142 3.01 -8.16 -44.81
C ILE E 142 3.99 -8.20 -45.98
N LYS E 143 3.56 -7.67 -47.12
CA LYS E 143 4.30 -7.86 -48.38
C LYS E 143 5.05 -6.64 -48.90
N SER E 144 4.46 -5.46 -48.76
CA SER E 144 5.07 -4.24 -49.26
C SER E 144 4.44 -3.06 -48.57
N TYR E 145 5.24 -2.08 -48.17
CA TYR E 145 4.71 -0.92 -47.49
C TYR E 145 5.53 0.35 -47.66
N GLU E 146 4.93 1.48 -47.30
CA GLU E 146 5.61 2.78 -47.29
C GLU E 146 5.27 3.52 -46.01
N ILE E 147 6.21 4.33 -45.53
CA ILE E 147 5.99 5.16 -44.35
C ILE E 147 6.45 6.58 -44.66
N ASN E 148 5.51 7.52 -44.64
CA ASN E 148 5.76 8.93 -44.95
C ASN E 148 5.61 9.82 -43.71
N ASP E 149 6.40 10.89 -43.64
CA ASP E 149 6.27 11.87 -42.57
C ASP E 149 4.96 12.64 -42.73
N MET E 150 4.55 13.34 -41.67
CA MET E 150 3.39 14.22 -41.73
C MET E 150 3.62 15.28 -42.81
N GLY E 151 2.58 15.60 -43.57
CA GLY E 151 2.68 16.61 -44.61
C GLY E 151 3.10 16.10 -45.98
N ILE E 152 3.55 14.83 -46.04
CA ILE E 152 3.90 14.20 -47.31
C ILE E 152 2.75 13.31 -47.75
N GLY E 153 1.99 13.77 -48.73
CA GLY E 153 0.81 13.05 -49.21
C GLY E 153 1.14 11.80 -49.99
N ARG E 154 0.16 10.91 -50.11
CA ARG E 154 0.33 9.64 -50.81
C ARG E 154 -0.39 9.66 -52.16
N ASN E 155 -0.18 8.61 -52.93
CA ASN E 155 -0.78 8.44 -54.24
C ASN E 155 -1.49 7.08 -54.30
N ALA E 156 -2.82 7.10 -54.37
CA ALA E 156 -3.62 5.88 -54.38
C ALA E 156 -3.32 4.99 -55.58
N GLU E 157 -3.07 5.60 -56.75
CA GLU E 157 -2.77 4.86 -57.97
C GLU E 157 -1.55 3.95 -57.77
N GLU E 158 -0.49 4.54 -57.23
CA GLU E 158 0.74 3.80 -56.96
C GLU E 158 0.47 2.61 -56.04
N LEU E 159 -0.35 2.82 -55.03
CA LEU E 159 -0.67 1.78 -54.06
C LEU E 159 -1.45 0.64 -54.72
N VAL E 160 -2.34 0.99 -55.64
CA VAL E 160 -3.08 0.00 -56.43
C VAL E 160 -2.13 -0.78 -57.34
N ARG E 161 -1.17 -0.08 -57.93
CA ARG E 161 -0.16 -0.72 -58.78
C ARG E 161 0.63 -1.76 -57.99
N LYS E 162 1.05 -1.39 -56.78
CA LYS E 162 1.84 -2.28 -55.92
C LYS E 162 1.04 -3.52 -55.49
N LEU E 163 -0.27 -3.37 -55.31
CA LEU E 163 -1.13 -4.50 -55.01
C LEU E 163 -1.16 -5.47 -56.19
N GLU E 164 -1.37 -4.92 -57.38
CA GLU E 164 -1.38 -5.71 -58.62
C GLU E 164 -0.08 -6.47 -58.79
N ALA E 165 1.04 -5.81 -58.51
CA ALA E 165 2.35 -6.43 -58.57
C ALA E 165 2.49 -7.56 -57.56
N SER E 166 2.03 -7.31 -56.33
CA SER E 166 2.08 -8.32 -55.27
C SER E 166 1.24 -9.54 -55.61
N GLN E 167 0.03 -9.30 -56.12
CA GLN E 167 -0.86 -10.36 -56.56
C GLN E 167 -0.29 -11.13 -57.75
N PHE E 168 0.35 -10.42 -58.66
CA PHE E 168 0.96 -11.04 -59.82
C PHE E 168 2.07 -12.01 -59.41
N VAL E 169 2.88 -11.59 -58.44
CA VAL E 169 3.98 -12.42 -57.93
C VAL E 169 3.43 -13.64 -57.18
N ALA E 170 2.36 -13.43 -56.41
CA ALA E 170 1.73 -14.52 -55.66
C ALA E 170 1.30 -15.68 -56.55
N GLU E 171 0.67 -15.36 -57.68
CA GLU E 171 0.20 -16.38 -58.62
C GLU E 171 1.34 -16.97 -59.43
N HIS E 172 2.10 -16.09 -60.09
CA HIS E 172 3.16 -16.52 -61.02
C HIS E 172 4.48 -16.82 -60.30
N GLY E 173 4.72 -18.11 -60.07
CA GLY E 173 6.01 -18.58 -59.57
C GLY E 173 6.95 -18.90 -60.72
N ASP E 174 8.25 -18.71 -60.48
CA ASP E 174 9.28 -18.92 -61.51
C ASP E 174 9.09 -17.99 -62.72
N LYS E 175 8.78 -16.72 -62.44
CA LYS E 175 8.57 -15.71 -63.49
C LYS E 175 9.87 -14.97 -63.78
N VAL E 176 10.05 -14.58 -65.03
CA VAL E 176 11.25 -13.85 -65.46
C VAL E 176 10.83 -12.55 -66.16
#